data_9PQ9
#
_entry.id   9PQ9
#
_cell.length_a   124.435
_cell.length_b   124.435
_cell.length_c   138.638
_cell.angle_alpha   90.000
_cell.angle_beta   90.000
_cell.angle_gamma   90.000
#
_symmetry.space_group_name_H-M   'P 4 21 2'
#
loop_
_entity.id
_entity.type
_entity.pdbx_description
1 polymer 'Protein fem-1 homolog B'
2 non-polymer 6-(propylsulfanyl)-1,5-dihydro-4H-pyrazolo[3,4-d]pyrimidin-4-one
3 non-polymer 'SULFATE ION'
#
_entity_poly.entity_id   1
_entity_poly.type   'polypeptide(L)'
_entity_poly.pdbx_seq_one_letter_code
;GHMEGLAGYVYKAASEGKVLTLAALLLNRSESDIRYLLGYVSQQGGQRSTPLIIAARNGHAKVVRLLLEHYRVQTQQTGT
VRFDGYVIDGATALWCAAGAGHFEVVKLLVSHGANVNHTTVTNSTPLRAACFDGRLDIVKYLVENNANISIANKYDNTCL
MIAAYKGHTDVVRYLLEQRADPNAKAHCGATALHFAAEAGHIDIVKELIKWRAAIVVNGHGMTPLKVAAESCKADVVELL
LSHADCDRRSRIEALELLGASFANDRENYDIIKTYHYLYLAMLERFQDGDNILEKEVLPPIHAYGNRTECRNPQELESIR
QDRDALHMEGLIVRERILGGGGSGGGSKKRLLLGLDR
;
_entity_poly.pdbx_strand_id   A,B
#
# COMPACT_ATOMS: atom_id res chain seq x y z
N HIS A 2 16.54 53.49 9.11
CA HIS A 2 16.91 52.30 9.85
C HIS A 2 15.87 51.99 10.93
N MET A 3 14.71 52.62 10.82
CA MET A 3 13.61 52.42 11.75
C MET A 3 12.91 51.07 11.54
N GLU A 4 13.46 50.18 10.72
CA GLU A 4 12.78 48.89 10.56
C GLU A 4 12.87 48.05 11.83
N GLY A 5 13.59 48.51 12.85
CA GLY A 5 13.57 47.81 14.13
C GLY A 5 12.18 47.81 14.77
N LEU A 6 11.48 48.95 14.71
CA LEU A 6 10.11 48.97 15.20
C LEU A 6 9.22 48.03 14.39
N ALA A 7 9.44 47.97 13.07
CA ALA A 7 8.66 47.07 12.22
C ALA A 7 8.79 45.63 12.68
N GLY A 8 9.95 45.24 13.20
CA GLY A 8 10.11 43.88 13.69
C GLY A 8 9.34 43.63 14.97
N TYR A 9 9.17 44.66 15.79
CA TYR A 9 8.31 44.53 16.96
C TYR A 9 6.84 44.49 16.57
N VAL A 10 6.43 45.33 15.61
CA VAL A 10 5.07 45.29 15.09
C VAL A 10 4.75 43.92 14.50
N TYR A 11 5.68 43.37 13.72
CA TYR A 11 5.48 42.04 13.17
C TYR A 11 5.35 41.01 14.28
N LYS A 12 6.26 41.07 15.26
CA LYS A 12 6.22 40.11 16.37
C LYS A 12 4.91 40.21 17.14
N ALA A 13 4.43 41.44 17.39
CA ALA A 13 3.15 41.61 18.07
C ALA A 13 2.01 40.98 17.28
N ALA A 14 2.00 41.16 15.97
CA ALA A 14 0.95 40.56 15.13
C ALA A 14 1.08 39.04 15.10
N SER A 15 2.29 38.53 14.91
CA SER A 15 2.50 37.09 14.82
C SER A 15 2.02 36.36 16.07
N GLU A 16 2.25 36.95 17.24
CA GLU A 16 1.91 36.31 18.51
C GLU A 16 0.49 36.61 18.97
N GLY A 17 -0.20 37.57 18.36
CA GLY A 17 -1.56 37.87 18.74
C GLY A 17 -1.69 38.75 19.96
N LYS A 18 -0.63 39.44 20.36
CA LYS A 18 -0.69 40.35 21.51
C LYS A 18 -1.21 41.68 21.00
N VAL A 19 -2.54 41.81 21.02
CA VAL A 19 -3.20 42.92 20.33
C VAL A 19 -2.93 44.25 21.03
N LEU A 20 -2.86 44.25 22.36
CA LEU A 20 -2.55 45.48 23.08
C LEU A 20 -1.09 45.92 22.84
N THR A 21 -0.17 44.96 22.72
CA THR A 21 1.20 45.32 22.34
C THR A 21 1.22 45.95 20.95
N LEU A 22 0.50 45.37 19.99
CA LEU A 22 0.36 46.00 18.68
C LEU A 22 -0.22 47.40 18.81
N ALA A 23 -1.31 47.53 19.59
CA ALA A 23 -1.95 48.83 19.76
C ALA A 23 -0.96 49.86 20.27
N ALA A 24 -0.20 49.52 21.32
CA ALA A 24 0.77 50.45 21.88
C ALA A 24 1.82 50.86 20.86
N LEU A 25 2.31 49.90 20.06
CA LEU A 25 3.37 50.20 19.10
C LEU A 25 2.91 51.17 18.03
N LEU A 26 1.64 51.06 17.62
CA LEU A 26 1.14 51.79 16.46
C LEU A 26 0.69 53.21 16.82
N LEU A 27 0.23 53.44 18.04
CA LEU A 27 -0.08 54.78 18.50
C LEU A 27 1.17 55.67 18.47
N ASN A 28 0.93 56.98 18.44
CA ASN A 28 1.98 58.01 18.45
C ASN A 28 2.78 58.03 17.16
N ARG A 29 2.17 57.60 16.05
CA ARG A 29 2.89 57.43 14.80
C ARG A 29 2.15 58.13 13.66
N SER A 30 2.90 58.90 12.88
CA SER A 30 2.35 59.54 11.69
C SER A 30 1.79 58.49 10.73
N GLU A 31 0.97 58.97 9.78
CA GLU A 31 0.45 58.07 8.76
C GLU A 31 1.57 57.46 7.92
N SER A 32 2.59 58.27 7.58
CA SER A 32 3.76 57.75 6.88
C SER A 32 4.34 56.55 7.62
N ASP A 33 4.46 56.66 8.95
CA ASP A 33 5.01 55.57 9.74
C ASP A 33 4.14 54.32 9.68
N ILE A 34 2.82 54.51 9.77
CA ILE A 34 1.91 53.36 9.86
C ILE A 34 2.01 52.48 8.63
N ARG A 35 1.90 53.08 7.44
CA ARG A 35 2.01 52.31 6.20
C ARG A 35 3.34 51.57 6.13
N TYR A 36 4.42 52.22 6.58
CA TYR A 36 5.72 51.57 6.63
C TYR A 36 5.68 50.33 7.51
N LEU A 37 5.20 50.49 8.75
CA LEU A 37 5.31 49.37 9.68
C LEU A 37 4.31 48.26 9.33
N LEU A 38 3.14 48.63 8.83
CA LEU A 38 2.12 47.63 8.53
C LEU A 38 2.27 47.03 7.14
N GLY A 39 3.01 47.67 6.26
CA GLY A 39 3.31 47.13 4.95
C GLY A 39 4.71 46.58 4.80
N TYR A 40 5.45 46.41 5.89
CA TYR A 40 6.80 45.88 5.83
C TYR A 40 6.76 44.41 5.47
N VAL A 41 7.38 44.03 4.37
CA VAL A 41 7.52 42.63 4.00
C VAL A 41 8.66 42.04 4.82
N SER A 42 8.34 41.10 5.71
CA SER A 42 9.34 40.53 6.61
C SER A 42 9.74 39.15 6.11
N GLN A 43 11.04 38.92 6.02
CA GLN A 43 11.64 37.70 5.49
C GLN A 43 12.02 36.71 6.58
N GLN A 44 11.35 36.75 7.74
CA GLN A 44 11.67 35.79 8.79
C GLN A 44 11.46 34.38 8.26
N GLY A 45 12.52 33.58 8.27
CA GLY A 45 12.47 32.27 7.68
C GLY A 45 12.60 32.34 6.16
N GLY A 46 12.31 31.22 5.53
CA GLY A 46 12.24 31.16 4.09
C GLY A 46 11.00 31.83 3.50
N GLN A 47 10.37 32.72 4.26
CA GLN A 47 9.08 33.25 3.86
C GLN A 47 9.16 34.72 3.49
N ARG A 48 7.97 35.34 3.45
CA ARG A 48 7.82 36.77 3.25
C ARG A 48 6.38 37.16 3.55
N SER A 49 6.16 38.06 4.52
CA SER A 49 4.80 38.33 4.98
C SER A 49 4.75 39.68 5.68
N THR A 50 3.53 40.15 5.90
CA THR A 50 3.22 41.39 6.59
C THR A 50 2.50 41.13 7.90
N PRO A 51 2.48 42.11 8.82
CA PRO A 51 1.71 41.93 10.07
C PRO A 51 0.28 41.42 9.88
N LEU A 52 -0.48 41.99 8.96
CA LEU A 52 -1.85 41.52 8.73
C LEU A 52 -1.88 40.06 8.32
N ILE A 53 -1.00 39.66 7.40
CA ILE A 53 -0.99 38.28 6.91
C ILE A 53 -0.65 37.31 8.04
N ILE A 54 0.37 37.63 8.83
CA ILE A 54 0.80 36.66 9.85
C ILE A 54 -0.25 36.52 10.94
N ALA A 55 -0.87 37.64 11.35
CA ALA A 55 -2.00 37.55 12.26
C ALA A 55 -3.09 36.64 11.71
N ALA A 56 -3.41 36.81 10.43
CA ALA A 56 -4.38 35.94 9.78
C ALA A 56 -3.90 34.49 9.78
N ARG A 57 -2.67 34.26 9.30
CA ARG A 57 -2.13 32.91 9.24
C ARG A 57 -2.22 32.17 10.58
N ASN A 58 -2.08 32.90 11.69
CA ASN A 58 -2.12 32.30 13.02
C ASN A 58 -3.46 32.48 13.71
N GLY A 59 -4.48 32.97 13.00
CA GLY A 59 -5.80 33.07 13.58
C GLY A 59 -5.91 34.02 14.75
N HIS A 60 -5.19 35.14 14.70
CA HIS A 60 -5.25 36.14 15.77
C HIS A 60 -6.31 37.16 15.36
N ALA A 61 -7.57 36.86 15.71
CA ALA A 61 -8.70 37.64 15.23
C ALA A 61 -8.64 39.09 15.72
N LYS A 62 -8.47 39.28 17.03
CA LYS A 62 -8.44 40.63 17.58
C LYS A 62 -7.37 41.48 16.90
N VAL A 63 -6.17 40.93 16.73
CA VAL A 63 -5.11 41.61 15.97
C VAL A 63 -5.57 41.89 14.55
N VAL A 64 -6.26 40.94 13.92
CA VAL A 64 -6.74 41.15 12.56
C VAL A 64 -7.85 42.19 12.55
N ARG A 65 -8.83 42.05 13.44
CA ARG A 65 -9.90 43.04 13.56
C ARG A 65 -9.35 44.44 13.80
N LEU A 66 -8.23 44.53 14.54
CA LEU A 66 -7.66 45.83 14.86
C LEU A 66 -7.10 46.51 13.61
N LEU A 67 -6.21 45.83 12.88
CA LEU A 67 -5.54 46.42 11.72
C LEU A 67 -6.53 46.88 10.65
N LEU A 68 -7.68 46.23 10.55
CA LEU A 68 -8.63 46.57 9.50
C LEU A 68 -9.46 47.80 9.88
N GLU A 69 -10.13 47.74 11.04
CA GLU A 69 -11.04 48.80 11.43
C GLU A 69 -10.32 50.10 11.79
N HIS A 70 -9.07 50.02 12.24
CA HIS A 70 -8.41 51.18 12.81
C HIS A 70 -7.15 51.63 12.09
N TYR A 71 -6.67 50.89 11.09
CA TYR A 71 -5.49 51.32 10.37
C TYR A 71 -5.65 51.19 8.87
N ARG A 72 -6.88 50.93 8.39
CA ARG A 72 -7.23 50.71 6.99
C ARG A 72 -6.11 50.06 6.21
N VAL A 73 -5.79 48.81 6.55
CA VAL A 73 -4.69 48.09 5.91
C VAL A 73 -5.24 47.28 4.75
N GLN A 74 -4.57 47.39 3.61
CA GLN A 74 -5.00 46.69 2.41
C GLN A 74 -5.05 45.19 2.65
N THR A 75 -6.16 44.58 2.27
CA THR A 75 -6.26 43.13 2.34
C THR A 75 -5.67 42.45 1.11
N GLN A 76 -5.42 43.20 0.03
CA GLN A 76 -4.86 42.63 -1.18
C GLN A 76 -3.37 42.33 -1.04
N GLN A 77 -2.75 42.70 0.08
CA GLN A 77 -1.36 42.35 0.34
C GLN A 77 -1.15 40.85 0.17
N THR A 78 -0.13 40.48 -0.59
CA THR A 78 0.23 39.10 -0.82
C THR A 78 1.53 38.77 -0.11
N GLY A 79 1.88 37.49 -0.11
CA GLY A 79 3.12 37.07 0.52
C GLY A 79 3.40 35.60 0.28
N THR A 80 4.43 35.11 0.97
CA THR A 80 4.95 33.75 0.83
C THR A 80 5.04 33.14 2.23
N VAL A 81 4.43 31.96 2.41
CA VAL A 81 4.10 31.45 3.75
C VAL A 81 4.33 29.93 3.85
N ARG A 82 5.12 29.51 4.85
CA ARG A 82 5.26 28.10 5.21
C ARG A 82 3.95 27.56 5.78
N PHE A 83 3.47 26.42 5.27
CA PHE A 83 2.22 25.85 5.74
C PHE A 83 2.48 24.45 6.27
N ASP A 84 2.04 23.41 5.59
CA ASP A 84 2.26 22.02 5.96
C ASP A 84 3.52 21.44 5.34
N GLY A 85 4.66 22.09 5.50
CA GLY A 85 5.86 21.58 4.89
C GLY A 85 6.35 22.49 3.80
N TYR A 86 5.42 22.92 2.94
CA TYR A 86 5.73 23.71 1.76
C TYR A 86 5.63 25.20 2.07
N VAL A 87 6.11 26.00 1.11
CA VAL A 87 6.10 27.45 1.19
C VAL A 87 5.29 27.97 0.00
N ILE A 88 4.12 28.53 0.28
CA ILE A 88 3.15 28.91 -0.75
C ILE A 88 3.29 30.39 -1.06
N ASP A 89 3.49 30.72 -2.33
CA ASP A 89 3.71 32.09 -2.77
C ASP A 89 2.42 32.69 -3.30
N GLY A 90 2.26 34.00 -3.08
CA GLY A 90 1.08 34.72 -3.53
C GLY A 90 -0.10 34.68 -2.61
N ALA A 91 0.09 34.31 -1.34
CA ALA A 91 -1.02 34.13 -0.42
C ALA A 91 -1.42 35.45 0.23
N THR A 92 -2.72 35.65 0.37
CA THR A 92 -3.29 36.78 1.08
C THR A 92 -3.71 36.34 2.48
N ALA A 93 -3.85 37.33 3.37
CA ALA A 93 -4.43 37.10 4.69
C ALA A 93 -5.64 36.15 4.64
N LEU A 94 -6.55 36.37 3.70
CA LEU A 94 -7.73 35.51 3.58
C LEU A 94 -7.34 34.08 3.23
N TRP A 95 -6.57 33.90 2.16
CA TRP A 95 -6.15 32.55 1.76
C TRP A 95 -5.45 31.80 2.89
N CYS A 96 -4.49 32.45 3.56
CA CYS A 96 -3.83 31.82 4.70
C CYS A 96 -4.83 31.40 5.78
N ALA A 97 -5.83 32.24 6.05
CA ALA A 97 -6.79 31.93 7.11
C ALA A 97 -7.73 30.81 6.74
N ALA A 98 -7.94 30.56 5.44
CA ALA A 98 -8.76 29.43 5.02
C ALA A 98 -7.96 28.14 5.12
N GLY A 99 -6.70 28.17 4.69
CA GLY A 99 -5.85 27.00 4.83
C GLY A 99 -5.65 26.60 6.28
N ALA A 100 -5.41 27.58 7.15
CA ALA A 100 -5.24 27.26 8.56
C ALA A 100 -6.55 26.98 9.28
N GLY A 101 -7.68 27.18 8.61
CA GLY A 101 -8.97 26.81 9.20
C GLY A 101 -9.48 27.74 10.28
N HIS A 102 -9.08 29.01 10.26
CA HIS A 102 -9.56 30.00 11.23
C HIS A 102 -10.82 30.67 10.68
N PHE A 103 -11.98 30.08 11.01
CA PHE A 103 -13.24 30.57 10.49
C PHE A 103 -13.47 32.05 10.81
N GLU A 104 -13.34 32.42 12.09
CA GLU A 104 -13.68 33.78 12.48
C GLU A 104 -12.82 34.82 11.77
N VAL A 105 -11.55 34.51 11.52
CA VAL A 105 -10.70 35.43 10.77
C VAL A 105 -11.15 35.51 9.31
N VAL A 106 -11.58 34.38 8.75
CA VAL A 106 -12.14 34.41 7.40
C VAL A 106 -13.35 35.34 7.36
N LYS A 107 -14.23 35.25 8.36
CA LYS A 107 -15.39 36.13 8.40
C LYS A 107 -14.96 37.59 8.41
N LEU A 108 -14.05 37.95 9.33
CA LEU A 108 -13.53 39.31 9.40
C LEU A 108 -13.01 39.79 8.05
N LEU A 109 -12.20 38.97 7.37
CA LEU A 109 -11.53 39.44 6.17
C LEU A 109 -12.53 39.70 5.03
N VAL A 110 -13.44 38.75 4.77
CA VAL A 110 -14.39 38.99 3.68
C VAL A 110 -15.40 40.06 4.08
N SER A 111 -15.66 40.23 5.38
CA SER A 111 -16.54 41.31 5.81
C SER A 111 -16.01 42.64 5.33
N HIS A 112 -14.72 42.87 5.55
CA HIS A 112 -14.04 44.00 4.95
C HIS A 112 -13.69 43.60 3.51
N GLY A 113 -12.99 44.47 2.78
CA GLY A 113 -12.70 44.17 1.38
C GLY A 113 -11.75 42.98 1.28
N ALA A 114 -12.21 41.88 0.68
CA ALA A 114 -11.35 40.72 0.50
C ALA A 114 -11.80 39.90 -0.70
N ASN A 115 -10.92 39.82 -1.70
CA ASN A 115 -11.19 39.10 -2.94
C ASN A 115 -11.23 37.60 -2.67
N VAL A 116 -12.44 37.05 -2.54
CA VAL A 116 -12.57 35.62 -2.28
C VAL A 116 -12.10 34.77 -3.45
N ASN A 117 -11.90 35.38 -4.62
CA ASN A 117 -11.46 34.66 -5.82
C ASN A 117 -9.99 34.91 -6.13
N HIS A 118 -9.27 35.64 -5.28
CA HIS A 118 -7.85 35.91 -5.51
C HIS A 118 -7.02 34.64 -5.35
N THR A 119 -6.15 34.38 -6.33
CA THR A 119 -5.44 33.12 -6.42
C THR A 119 -4.00 33.28 -5.94
N THR A 120 -3.43 32.17 -5.46
CA THR A 120 -2.00 32.08 -5.18
C THR A 120 -1.24 31.89 -6.50
N VAL A 121 0.07 31.68 -6.41
CA VAL A 121 0.87 31.51 -7.62
C VAL A 121 0.52 30.20 -8.31
N THR A 122 0.13 29.18 -7.54
CA THR A 122 -0.38 27.94 -8.12
C THR A 122 -1.85 28.02 -8.50
N ASN A 123 -2.45 29.21 -8.37
CA ASN A 123 -3.83 29.48 -8.77
C ASN A 123 -4.83 28.81 -7.83
N SER A 124 -4.55 28.85 -6.54
CA SER A 124 -5.44 28.29 -5.52
C SER A 124 -6.29 29.38 -4.89
N THR A 125 -7.60 29.28 -5.04
CA THR A 125 -8.51 30.15 -4.32
C THR A 125 -8.52 29.79 -2.83
N PRO A 126 -8.84 30.75 -1.97
CA PRO A 126 -9.15 30.41 -0.58
C PRO A 126 -10.18 29.30 -0.46
N LEU A 127 -11.11 29.19 -1.40
CA LEU A 127 -12.05 28.07 -1.41
C LEU A 127 -11.33 26.74 -1.55
N ARG A 128 -10.39 26.66 -2.50
CA ARG A 128 -9.62 25.44 -2.67
C ARG A 128 -8.91 25.04 -1.38
N ALA A 129 -8.21 26.00 -0.76
CA ALA A 129 -7.62 25.81 0.56
C ALA A 129 -8.58 25.12 1.53
N ALA A 130 -9.72 25.74 1.79
CA ALA A 130 -10.71 25.16 2.69
C ALA A 130 -11.18 23.80 2.19
N CYS A 131 -11.24 23.60 0.87
CA CYS A 131 -11.69 22.33 0.33
C CYS A 131 -10.65 21.24 0.59
N PHE A 132 -9.37 21.59 0.47
CA PHE A 132 -8.29 20.67 0.81
C PHE A 132 -8.39 20.19 2.26
N ASP A 133 -8.73 21.10 3.18
CA ASP A 133 -8.76 20.76 4.60
C ASP A 133 -10.13 20.33 5.12
N GLY A 134 -11.19 20.50 4.32
CA GLY A 134 -12.50 19.99 4.72
C GLY A 134 -13.25 20.74 5.81
N ARG A 135 -12.86 21.96 6.16
CA ARG A 135 -13.66 22.72 7.11
C ARG A 135 -14.93 23.16 6.40
N LEU A 136 -16.03 22.44 6.64
CA LEU A 136 -17.27 22.73 5.93
C LEU A 136 -17.81 24.10 6.31
N ASP A 137 -17.61 24.54 7.55
CA ASP A 137 -17.99 25.88 7.96
C ASP A 137 -17.41 26.95 7.04
N ILE A 138 -16.10 26.91 6.78
CA ILE A 138 -15.47 27.93 5.96
C ILE A 138 -15.88 27.78 4.49
N VAL A 139 -15.96 26.55 3.99
CA VAL A 139 -16.37 26.34 2.61
C VAL A 139 -17.74 26.93 2.36
N LYS A 140 -18.68 26.69 3.27
CA LYS A 140 -20.03 27.25 3.14
C LYS A 140 -20.00 28.77 3.10
N TYR A 141 -19.22 29.38 4.00
CA TYR A 141 -19.20 30.84 4.11
C TYR A 141 -18.64 31.49 2.85
N LEU A 142 -17.50 31.00 2.35
CA LEU A 142 -16.89 31.58 1.16
C LEU A 142 -17.84 31.51 -0.03
N VAL A 143 -18.42 30.33 -0.28
CA VAL A 143 -19.34 30.15 -1.40
C VAL A 143 -20.47 31.16 -1.33
N GLU A 144 -21.04 31.33 -0.14
CA GLU A 144 -22.13 32.29 0.06
C GLU A 144 -21.68 33.74 -0.07
N ASN A 145 -20.41 34.01 -0.35
CA ASN A 145 -19.91 35.37 -0.51
C ASN A 145 -19.14 35.49 -1.83
N ASN A 146 -19.66 34.79 -2.85
CA ASN A 146 -19.23 34.90 -4.24
C ASN A 146 -17.91 34.20 -4.53
N ALA A 147 -17.44 33.31 -3.65
CA ALA A 147 -16.31 32.48 -4.00
C ALA A 147 -16.70 31.60 -5.17
N ASN A 148 -15.80 31.49 -6.16
CA ASN A 148 -16.11 30.79 -7.40
C ASN A 148 -15.65 29.34 -7.26
N ILE A 149 -16.61 28.41 -7.28
CA ILE A 149 -16.30 26.99 -7.16
C ILE A 149 -15.51 26.49 -8.36
N SER A 150 -15.59 27.18 -9.50
CA SER A 150 -15.05 26.65 -10.73
C SER A 150 -13.61 27.04 -11.01
N ILE A 151 -13.02 27.96 -10.23
CA ILE A 151 -11.59 28.24 -10.40
C ILE A 151 -10.81 27.06 -9.86
N ALA A 152 -9.91 26.53 -10.70
CA ALA A 152 -9.11 25.37 -10.40
C ALA A 152 -7.64 25.79 -10.44
N ASN A 153 -6.80 24.96 -9.83
CA ASN A 153 -5.40 25.33 -9.65
C ASN A 153 -4.67 25.35 -11.00
N LYS A 154 -3.37 25.64 -10.94
CA LYS A 154 -2.53 25.73 -12.11
C LYS A 154 -2.67 24.53 -13.05
N TYR A 155 -3.10 23.38 -12.53
CA TYR A 155 -3.19 22.15 -13.31
C TYR A 155 -4.64 21.67 -13.50
N ASP A 156 -5.61 22.57 -13.37
CA ASP A 156 -7.03 22.27 -13.56
C ASP A 156 -7.59 21.34 -12.48
N ASN A 157 -6.96 21.30 -11.30
CA ASN A 157 -7.47 20.54 -10.17
C ASN A 157 -8.59 21.35 -9.51
N THR A 158 -9.82 20.85 -9.59
CA THR A 158 -10.93 21.66 -9.12
C THR A 158 -11.09 21.54 -7.61
N CYS A 159 -11.91 22.42 -7.04
CA CYS A 159 -12.26 22.32 -5.63
C CYS A 159 -12.90 20.97 -5.32
N LEU A 160 -13.74 20.46 -6.23
CA LEU A 160 -14.39 19.16 -6.01
C LEU A 160 -13.37 18.02 -6.04
N MET A 161 -12.40 18.10 -6.97
CA MET A 161 -11.41 17.04 -7.10
C MET A 161 -10.62 16.83 -5.82
N ILE A 162 -10.13 17.92 -5.23
CA ILE A 162 -9.29 17.79 -4.04
C ILE A 162 -10.13 17.34 -2.84
N ALA A 163 -11.36 17.84 -2.72
CA ALA A 163 -12.26 17.35 -1.68
C ALA A 163 -12.53 15.87 -1.83
N ALA A 164 -12.58 15.38 -3.08
CA ALA A 164 -12.76 13.95 -3.30
C ALA A 164 -11.50 13.18 -2.95
N TYR A 165 -10.34 13.63 -3.44
CA TYR A 165 -9.07 12.99 -3.12
C TYR A 165 -8.86 12.87 -1.62
N LYS A 166 -9.08 13.96 -0.89
CA LYS A 166 -8.85 13.93 0.55
C LYS A 166 -9.97 13.26 1.33
N GLY A 167 -11.08 12.93 0.69
CA GLY A 167 -12.13 12.18 1.34
C GLY A 167 -13.00 12.99 2.26
N HIS A 168 -13.29 14.24 1.89
CA HIS A 168 -14.14 15.12 2.70
C HIS A 168 -15.59 15.03 2.23
N THR A 169 -16.14 13.81 2.36
CA THR A 169 -17.51 13.51 1.95
C THR A 169 -18.47 14.66 2.22
N ASP A 170 -18.39 15.22 3.43
CA ASP A 170 -19.21 16.38 3.79
C ASP A 170 -19.03 17.53 2.80
N VAL A 171 -17.78 17.92 2.55
CA VAL A 171 -17.50 19.02 1.63
C VAL A 171 -17.92 18.66 0.21
N VAL A 172 -17.67 17.42 -0.20
CA VAL A 172 -18.00 17.00 -1.57
C VAL A 172 -19.48 17.18 -1.85
N ARG A 173 -20.33 16.71 -0.94
CA ARG A 173 -21.78 16.84 -1.15
C ARG A 173 -22.21 18.30 -1.22
N TYR A 174 -21.59 19.16 -0.43
CA TYR A 174 -21.95 20.58 -0.50
C TYR A 174 -21.65 21.16 -1.88
N LEU A 175 -20.43 20.95 -2.37
CA LEU A 175 -20.07 21.49 -3.68
C LEU A 175 -21.01 20.99 -4.76
N LEU A 176 -21.44 19.73 -4.67
CA LEU A 176 -22.33 19.18 -5.68
C LEU A 176 -23.71 19.82 -5.62
N GLU A 177 -24.26 19.99 -4.42
CA GLU A 177 -25.52 20.72 -4.29
C GLU A 177 -25.40 22.14 -4.84
N GLN A 178 -24.22 22.76 -4.71
CA GLN A 178 -24.02 24.07 -5.31
C GLN A 178 -23.68 24.01 -6.79
N ARG A 179 -22.71 24.84 -7.19
CA ARG A 179 -22.33 25.09 -8.56
C ARG A 179 -21.49 24.01 -9.23
N ALA A 180 -21.02 23.00 -8.51
CA ALA A 180 -19.83 22.29 -8.95
C ALA A 180 -20.08 21.28 -10.07
N ASP A 181 -19.19 21.30 -11.06
CA ASP A 181 -19.25 20.45 -12.24
C ASP A 181 -18.52 19.15 -11.93
N PRO A 182 -19.20 18.01 -11.81
CA PRO A 182 -18.46 16.76 -11.54
C PRO A 182 -17.65 16.27 -12.72
N ASN A 183 -18.02 16.63 -13.95
CA ASN A 183 -17.41 16.07 -15.16
C ASN A 183 -16.12 16.77 -15.59
N ALA A 184 -15.64 17.74 -14.82
CA ALA A 184 -14.42 18.44 -15.20
C ALA A 184 -13.22 17.49 -15.20
N LYS A 185 -12.33 17.68 -16.18
CA LYS A 185 -11.06 16.98 -16.25
C LYS A 185 -9.92 17.86 -15.78
N ALA A 186 -8.78 17.23 -15.51
CA ALA A 186 -7.55 17.91 -15.10
C ALA A 186 -6.51 17.73 -16.19
N HIS A 187 -5.36 18.40 -16.02
CA HIS A 187 -4.29 18.35 -17.01
C HIS A 187 -3.90 16.92 -17.37
N CYS A 188 -4.06 15.99 -16.44
CA CYS A 188 -3.74 14.58 -16.67
C CYS A 188 -4.95 13.75 -17.00
N GLY A 189 -6.09 14.37 -17.28
CA GLY A 189 -7.30 13.66 -17.65
C GLY A 189 -8.17 13.23 -16.49
N ALA A 190 -7.66 13.26 -15.27
CA ALA A 190 -8.41 12.75 -14.13
C ALA A 190 -9.58 13.68 -13.80
N THR A 191 -10.69 13.08 -13.40
CA THR A 191 -11.86 13.79 -12.91
C THR A 191 -12.03 13.54 -11.41
N ALA A 192 -12.98 14.26 -10.82
CA ALA A 192 -13.30 14.06 -9.41
C ALA A 192 -13.54 12.58 -9.10
N LEU A 193 -14.22 11.88 -9.99
CA LEU A 193 -14.47 10.45 -9.79
C LEU A 193 -13.17 9.65 -9.74
N HIS A 194 -12.28 9.86 -10.71
CA HIS A 194 -10.99 9.17 -10.73
C HIS A 194 -10.29 9.26 -9.38
N PHE A 195 -10.10 10.48 -8.89
CA PHE A 195 -9.44 10.69 -7.61
C PHE A 195 -10.16 9.93 -6.49
N ALA A 196 -11.47 10.17 -6.34
CA ALA A 196 -12.24 9.48 -5.31
C ALA A 196 -12.30 7.98 -5.50
N ALA A 197 -11.85 7.46 -6.64
CA ALA A 197 -11.78 6.03 -6.89
C ALA A 197 -10.43 5.45 -6.48
N GLU A 198 -9.34 6.06 -6.98
CA GLU A 198 -7.99 5.62 -6.63
C GLU A 198 -7.79 5.58 -5.12
N ALA A 199 -8.44 6.48 -4.38
CA ALA A 199 -8.30 6.55 -2.95
C ALA A 199 -9.40 5.81 -2.20
N GLY A 200 -10.34 5.19 -2.92
CA GLY A 200 -11.34 4.34 -2.29
C GLY A 200 -12.26 5.05 -1.31
N HIS A 201 -12.65 6.28 -1.61
CA HIS A 201 -13.60 7.01 -0.78
C HIS A 201 -14.99 6.64 -1.26
N ILE A 202 -15.55 5.60 -0.62
CA ILE A 202 -16.75 4.94 -1.13
C ILE A 202 -17.95 5.88 -1.09
N ASP A 203 -18.21 6.52 0.06
CA ASP A 203 -19.34 7.42 0.18
C ASP A 203 -19.35 8.49 -0.90
N ILE A 204 -18.18 9.10 -1.15
CA ILE A 204 -18.06 10.16 -2.14
C ILE A 204 -18.41 9.64 -3.53
N VAL A 205 -17.99 8.41 -3.84
CA VAL A 205 -18.28 7.85 -5.17
C VAL A 205 -19.79 7.72 -5.36
N LYS A 206 -20.50 7.28 -4.33
CA LYS A 206 -21.96 7.25 -4.39
C LYS A 206 -22.53 8.64 -4.64
N GLU A 207 -21.97 9.66 -3.97
CA GLU A 207 -22.45 11.02 -4.17
C GLU A 207 -22.25 11.45 -5.62
N LEU A 208 -21.04 11.27 -6.16
CA LEU A 208 -20.77 11.63 -7.54
C LEU A 208 -21.68 10.87 -8.51
N ILE A 209 -22.03 9.63 -8.18
CA ILE A 209 -22.98 8.89 -9.01
C ILE A 209 -24.36 9.56 -8.96
N LYS A 210 -24.85 9.86 -7.75
CA LYS A 210 -26.13 10.57 -7.62
C LYS A 210 -26.22 11.79 -8.51
N TRP A 211 -25.10 12.42 -8.81
CA TRP A 211 -25.09 13.62 -9.62
C TRP A 211 -24.65 13.34 -11.05
N ARG A 212 -24.96 12.14 -11.54
CA ARG A 212 -24.84 11.77 -12.96
C ARG A 212 -23.50 12.18 -13.54
N ALA A 213 -22.43 11.85 -12.81
CA ALA A 213 -21.10 12.12 -13.29
C ALA A 213 -20.75 11.12 -14.39
N ALA A 214 -20.00 11.59 -15.38
CA ALA A 214 -19.70 10.76 -16.54
C ALA A 214 -18.50 9.87 -16.23
N ILE A 215 -18.56 8.64 -16.73
CA ILE A 215 -17.41 7.75 -16.71
C ILE A 215 -16.57 8.08 -17.95
N VAL A 216 -15.39 8.64 -17.72
CA VAL A 216 -14.49 9.05 -18.79
C VAL A 216 -13.12 8.43 -18.49
N VAL A 217 -12.18 8.64 -19.41
CA VAL A 217 -10.90 7.93 -19.38
C VAL A 217 -9.80 8.84 -18.83
N ASN A 218 -9.00 8.29 -17.92
CA ASN A 218 -7.79 8.92 -17.41
C ASN A 218 -6.86 9.27 -18.57
N GLY A 219 -5.85 10.11 -18.27
CA GLY A 219 -4.75 10.28 -19.20
C GLY A 219 -4.02 8.99 -19.51
N HIS A 220 -4.20 7.97 -18.67
CA HIS A 220 -3.70 6.62 -18.88
C HIS A 220 -4.69 5.75 -19.64
N GLY A 221 -5.78 6.33 -20.12
CA GLY A 221 -6.80 5.55 -20.79
C GLY A 221 -7.62 4.72 -19.85
N MET A 222 -7.72 5.12 -18.58
CA MET A 222 -8.33 4.30 -17.54
C MET A 222 -9.59 4.96 -17.02
N THR A 223 -10.68 4.22 -17.06
CA THR A 223 -11.92 4.62 -16.42
C THR A 223 -11.74 4.58 -14.89
N PRO A 224 -12.51 5.40 -14.15
CA PRO A 224 -12.42 5.33 -12.67
C PRO A 224 -12.56 3.92 -12.10
N LEU A 225 -13.43 3.10 -12.71
CA LEU A 225 -13.48 1.68 -12.38
C LEU A 225 -12.10 1.04 -12.50
N LYS A 226 -11.48 1.15 -13.68
CA LYS A 226 -10.18 0.55 -13.90
C LYS A 226 -9.09 1.17 -13.02
N VAL A 227 -9.30 2.39 -12.53
CA VAL A 227 -8.35 2.99 -11.60
C VAL A 227 -8.54 2.40 -10.21
N ALA A 228 -9.77 2.07 -9.83
CA ALA A 228 -10.02 1.44 -8.54
C ALA A 228 -9.47 0.02 -8.49
N ALA A 229 -9.57 -0.71 -9.60
CA ALA A 229 -8.95 -2.02 -9.71
C ALA A 229 -7.47 -1.94 -9.38
N GLU A 230 -6.75 -1.05 -10.07
CA GLU A 230 -5.31 -0.93 -9.86
C GLU A 230 -5.00 -0.53 -8.43
N SER A 231 -5.80 0.36 -7.86
CA SER A 231 -5.58 0.75 -6.48
C SER A 231 -6.09 -0.30 -5.51
N CYS A 232 -6.56 -1.43 -6.05
CA CYS A 232 -7.07 -2.55 -5.27
C CYS A 232 -8.15 -2.11 -4.27
N LYS A 233 -9.21 -1.49 -4.81
CA LYS A 233 -10.34 -0.95 -4.04
C LYS A 233 -11.58 -1.73 -4.44
N ALA A 234 -11.72 -2.93 -3.87
CA ALA A 234 -12.78 -3.86 -4.29
C ALA A 234 -14.16 -3.23 -4.11
N ASP A 235 -14.42 -2.68 -2.92
CA ASP A 235 -15.72 -2.06 -2.65
C ASP A 235 -16.10 -1.05 -3.73
N VAL A 236 -15.17 -0.15 -4.08
CA VAL A 236 -15.45 0.85 -5.11
C VAL A 236 -15.67 0.19 -6.46
N VAL A 237 -14.84 -0.80 -6.80
CA VAL A 237 -14.99 -1.49 -8.09
C VAL A 237 -16.38 -2.10 -8.22
N GLU A 238 -16.83 -2.80 -7.17
CA GLU A 238 -18.16 -3.40 -7.22
C GLU A 238 -19.24 -2.34 -7.35
N LEU A 239 -19.10 -1.24 -6.62
CA LEU A 239 -20.04 -0.13 -6.72
C LEU A 239 -20.18 0.37 -8.16
N LEU A 240 -19.07 0.81 -8.75
CA LEU A 240 -19.12 1.30 -10.13
C LEU A 240 -19.71 0.24 -11.06
N LEU A 241 -19.28 -1.01 -10.90
CA LEU A 241 -19.81 -2.10 -11.72
C LEU A 241 -21.30 -2.28 -11.54
N SER A 242 -21.83 -1.98 -10.35
CA SER A 242 -23.25 -2.23 -10.09
C SER A 242 -24.14 -1.17 -10.73
N HIS A 243 -23.72 0.09 -10.74
CA HIS A 243 -24.52 1.11 -11.42
C HIS A 243 -24.28 1.07 -12.92
N ALA A 244 -23.05 0.81 -13.34
CA ALA A 244 -22.68 0.96 -14.73
C ALA A 244 -23.11 -0.25 -15.55
N ASP A 245 -23.02 -0.08 -16.87
CA ASP A 245 -23.38 -1.13 -17.83
C ASP A 245 -22.18 -1.31 -18.76
N CYS A 246 -21.06 -1.69 -18.17
CA CYS A 246 -19.81 -1.79 -18.90
C CYS A 246 -19.83 -3.03 -19.79
N ASP A 247 -19.48 -2.83 -21.07
CA ASP A 247 -19.27 -3.93 -22.01
C ASP A 247 -18.43 -5.02 -21.37
N ARG A 248 -18.82 -6.27 -21.63
CA ARG A 248 -18.15 -7.46 -21.10
C ARG A 248 -16.64 -7.32 -21.02
N ARG A 249 -16.02 -6.69 -22.02
CA ARG A 249 -14.56 -6.53 -22.00
C ARG A 249 -14.12 -5.59 -20.89
N SER A 250 -14.67 -4.37 -20.86
CA SER A 250 -14.39 -3.44 -19.77
C SER A 250 -14.56 -4.10 -18.41
N ARG A 251 -15.65 -4.87 -18.25
CA ARG A 251 -15.89 -5.59 -17.01
C ARG A 251 -14.78 -6.60 -16.72
N ILE A 252 -14.49 -7.46 -17.70
CA ILE A 252 -13.47 -8.50 -17.54
C ILE A 252 -12.12 -7.89 -17.18
N GLU A 253 -11.72 -6.84 -17.91
CA GLU A 253 -10.43 -6.22 -17.63
C GLU A 253 -10.42 -5.56 -16.26
N ALA A 254 -11.56 -5.03 -15.82
CA ALA A 254 -11.64 -4.46 -14.47
C ALA A 254 -11.50 -5.56 -13.42
N LEU A 255 -12.23 -6.66 -13.58
CA LEU A 255 -12.15 -7.76 -12.62
C LEU A 255 -10.74 -8.35 -12.55
N GLU A 256 -10.10 -8.55 -13.71
CA GLU A 256 -8.75 -9.08 -13.73
C GLU A 256 -7.78 -8.14 -13.03
N LEU A 257 -7.74 -6.88 -13.47
CA LEU A 257 -6.82 -5.90 -12.89
C LEU A 257 -6.99 -5.82 -11.37
N LEU A 258 -8.23 -5.88 -10.89
CA LEU A 258 -8.46 -5.91 -9.45
C LEU A 258 -7.90 -7.17 -8.83
N GLY A 259 -8.41 -8.33 -9.24
CA GLY A 259 -7.91 -9.60 -8.73
C GLY A 259 -6.40 -9.70 -8.74
N ALA A 260 -5.78 -9.36 -9.88
CA ALA A 260 -4.33 -9.33 -9.96
C ALA A 260 -3.74 -8.41 -8.91
N SER A 261 -4.35 -7.23 -8.71
CA SER A 261 -3.85 -6.28 -7.73
C SER A 261 -3.92 -6.80 -6.30
N PHE A 262 -4.67 -7.88 -6.04
CA PHE A 262 -4.79 -8.42 -4.69
C PHE A 262 -3.62 -9.31 -4.28
N ALA A 263 -2.85 -9.85 -5.23
CA ALA A 263 -1.74 -10.71 -4.86
C ALA A 263 -0.46 -9.91 -4.55
N ASN A 264 -0.17 -8.86 -5.32
CA ASN A 264 1.04 -8.06 -5.14
C ASN A 264 0.90 -6.97 -4.09
N ASP A 265 -0.29 -6.41 -3.94
CA ASP A 265 -0.46 -5.26 -3.08
C ASP A 265 -0.19 -5.69 -1.64
N ARG A 266 1.09 -5.67 -1.26
CA ARG A 266 1.56 -6.17 0.03
C ARG A 266 0.90 -5.49 1.22
N GLU A 267 0.08 -4.47 0.97
CA GLU A 267 -0.68 -3.82 2.03
C GLU A 267 -2.07 -4.43 2.20
N ASN A 268 -2.72 -4.79 1.09
CA ASN A 268 -4.02 -5.47 1.11
C ASN A 268 -3.92 -6.87 0.54
N TYR A 269 -2.73 -7.47 0.56
CA TYR A 269 -2.50 -8.76 -0.07
C TYR A 269 -3.44 -9.82 0.47
N ASP A 270 -4.16 -10.48 -0.45
CA ASP A 270 -5.09 -11.55 -0.08
C ASP A 270 -5.23 -12.41 -1.34
N ILE A 271 -4.42 -13.48 -1.40
CA ILE A 271 -4.32 -14.30 -2.59
C ILE A 271 -5.62 -15.05 -2.87
N ILE A 272 -6.45 -15.29 -1.86
CA ILE A 272 -7.71 -15.99 -2.09
C ILE A 272 -8.72 -15.07 -2.78
N LYS A 273 -8.66 -13.77 -2.52
CA LYS A 273 -9.49 -12.85 -3.30
C LYS A 273 -8.93 -12.70 -4.71
N THR A 274 -7.60 -12.78 -4.85
CA THR A 274 -6.99 -12.82 -6.18
C THR A 274 -7.64 -13.91 -7.03
N TYR A 275 -7.90 -15.07 -6.43
CA TYR A 275 -8.58 -16.13 -7.16
C TYR A 275 -10.04 -15.74 -7.45
N HIS A 276 -10.73 -15.16 -6.47
CA HIS A 276 -12.15 -14.86 -6.61
C HIS A 276 -12.42 -14.02 -7.85
N TYR A 277 -11.62 -12.96 -8.05
CA TYR A 277 -11.88 -12.04 -9.15
C TYR A 277 -11.29 -12.55 -10.46
N LEU A 278 -10.06 -13.09 -10.43
CA LEU A 278 -9.48 -13.65 -11.65
C LEU A 278 -10.31 -14.80 -12.19
N TYR A 279 -10.92 -15.60 -11.28
CA TYR A 279 -11.77 -16.69 -11.73
C TYR A 279 -13.13 -16.18 -12.21
N LEU A 280 -13.66 -15.15 -11.55
CA LEU A 280 -14.92 -14.56 -11.99
C LEU A 280 -14.79 -13.96 -13.38
N ALA A 281 -13.68 -13.27 -13.64
CA ALA A 281 -13.45 -12.70 -14.97
C ALA A 281 -13.30 -13.79 -16.03
N MET A 282 -12.85 -14.99 -15.63
CA MET A 282 -12.68 -16.06 -16.59
C MET A 282 -14.03 -16.62 -17.03
N LEU A 283 -14.95 -16.80 -16.07
CA LEU A 283 -16.30 -17.25 -16.40
C LEU A 283 -16.97 -16.27 -17.37
N GLU A 284 -16.90 -14.97 -17.06
CA GLU A 284 -17.43 -13.95 -17.97
C GLU A 284 -16.82 -14.05 -19.36
N ARG A 285 -15.55 -14.45 -19.45
CA ARG A 285 -14.94 -14.65 -20.76
C ARG A 285 -15.62 -15.78 -21.51
N PHE A 286 -15.98 -16.85 -20.81
CA PHE A 286 -16.39 -18.10 -21.46
C PHE A 286 -17.88 -18.39 -21.35
N GLN A 287 -18.71 -17.39 -21.04
CA GLN A 287 -20.15 -17.64 -21.09
C GLN A 287 -20.63 -17.85 -22.53
N ASP A 288 -19.84 -17.39 -23.51
CA ASP A 288 -20.06 -17.62 -24.94
C ASP A 288 -21.20 -16.77 -25.48
N GLY A 289 -21.63 -17.05 -26.70
CA GLY A 289 -22.72 -16.33 -27.33
C GLY A 289 -24.08 -16.96 -27.05
N ILE A 292 -17.73 -14.98 -26.69
CA ILE A 292 -16.60 -15.74 -26.17
C ILE A 292 -15.30 -14.94 -26.29
N LEU A 293 -14.83 -14.40 -25.19
CA LEU A 293 -13.72 -13.45 -25.19
C LEU A 293 -12.46 -14.17 -24.71
N GLU A 294 -11.70 -14.68 -25.68
CA GLU A 294 -10.44 -15.35 -25.37
C GLU A 294 -9.36 -14.30 -25.17
N LYS A 295 -8.31 -14.65 -24.45
CA LYS A 295 -7.24 -13.70 -24.14
C LYS A 295 -5.90 -14.15 -24.70
N GLU A 296 -5.14 -13.16 -25.17
CA GLU A 296 -3.80 -13.36 -25.74
C GLU A 296 -2.78 -13.16 -24.64
N VAL A 297 -2.21 -14.26 -24.14
CA VAL A 297 -1.27 -14.23 -23.02
C VAL A 297 0.11 -13.81 -23.53
N LEU A 298 1.09 -13.76 -22.63
CA LEU A 298 2.46 -13.40 -23.00
C LEU A 298 3.39 -14.57 -22.71
N PRO A 299 4.49 -14.69 -23.45
CA PRO A 299 5.38 -15.86 -23.29
C PRO A 299 6.06 -15.85 -21.93
N PRO A 300 6.26 -17.03 -21.35
CA PRO A 300 6.76 -17.12 -19.96
C PRO A 300 8.21 -16.69 -19.80
N ILE A 301 8.43 -15.56 -19.12
CA ILE A 301 9.76 -15.05 -18.84
C ILE A 301 10.25 -15.52 -17.48
N HIS A 302 11.58 -15.58 -17.33
CA HIS A 302 12.22 -15.96 -16.07
C HIS A 302 11.77 -15.08 -14.92
N ALA A 303 11.36 -13.84 -15.19
CA ALA A 303 11.00 -12.92 -14.12
C ALA A 303 9.81 -13.44 -13.33
N TYR A 304 8.85 -14.06 -14.01
CA TYR A 304 7.68 -14.59 -13.31
C TYR A 304 7.73 -16.11 -13.26
N GLY A 305 8.77 -16.65 -12.63
CA GLY A 305 9.02 -18.08 -12.72
C GLY A 305 9.33 -18.40 -14.16
N ASN A 306 8.59 -19.35 -14.72
CA ASN A 306 8.48 -19.52 -16.16
C ASN A 306 7.06 -19.97 -16.51
N ARG A 307 6.11 -19.58 -15.67
CA ARG A 307 4.71 -19.90 -15.85
C ARG A 307 4.10 -19.12 -17.00
N THR A 308 3.07 -19.68 -17.60
CA THR A 308 2.23 -18.98 -18.56
C THR A 308 0.86 -18.73 -17.94
N GLU A 309 0.24 -17.62 -18.33
CA GLU A 309 -1.00 -17.19 -17.71
C GLU A 309 -2.14 -18.11 -18.12
N CYS A 310 -2.95 -18.52 -17.15
CA CYS A 310 -4.03 -19.46 -17.36
C CYS A 310 -4.92 -19.01 -18.52
N ARG A 311 -5.09 -19.89 -19.51
CA ARG A 311 -5.90 -19.54 -20.68
C ARG A 311 -7.36 -19.98 -20.54
N ASN A 312 -7.60 -21.19 -20.04
CA ASN A 312 -8.91 -21.78 -19.86
C ASN A 312 -9.35 -21.66 -18.41
N PRO A 313 -10.67 -21.73 -18.15
CA PRO A 313 -11.12 -21.82 -16.74
C PRO A 313 -10.56 -23.05 -16.04
N GLN A 314 -10.52 -24.19 -16.73
CA GLN A 314 -9.94 -25.40 -16.17
C GLN A 314 -8.50 -25.17 -15.72
N GLU A 315 -7.72 -24.41 -16.50
CA GLU A 315 -6.35 -24.09 -16.09
C GLU A 315 -6.30 -23.31 -14.78
N LEU A 316 -7.30 -22.45 -14.55
CA LEU A 316 -7.29 -21.62 -13.34
C LEU A 316 -7.61 -22.43 -12.10
N GLU A 317 -8.66 -23.26 -12.15
CA GLU A 317 -9.02 -24.11 -11.01
C GLU A 317 -7.83 -24.94 -10.53
N SER A 318 -6.86 -25.20 -11.40
CA SER A 318 -5.71 -26.03 -11.08
C SER A 318 -4.75 -25.39 -10.07
N ILE A 319 -4.90 -24.10 -9.79
CA ILE A 319 -4.02 -23.45 -8.80
C ILE A 319 -4.83 -22.77 -7.72
N ARG A 320 -6.12 -23.11 -7.60
CA ARG A 320 -6.97 -22.50 -6.59
C ARG A 320 -6.38 -22.61 -5.18
N GLN A 321 -5.63 -23.67 -4.92
CA GLN A 321 -5.07 -23.91 -3.60
C GLN A 321 -3.55 -23.72 -3.55
N ASP A 322 -2.93 -23.36 -4.67
CA ASP A 322 -1.47 -23.16 -4.74
C ASP A 322 -1.19 -21.66 -4.68
N ARG A 323 -1.18 -21.14 -3.44
CA ARG A 323 -0.99 -19.72 -3.19
C ARG A 323 0.26 -19.15 -3.87
N ASP A 324 1.31 -19.97 -4.04
CA ASP A 324 2.49 -19.52 -4.77
C ASP A 324 2.16 -19.23 -6.23
N ALA A 325 1.44 -20.15 -6.89
CA ALA A 325 1.17 -19.96 -8.31
C ALA A 325 0.15 -18.85 -8.54
N LEU A 326 -0.71 -18.60 -7.56
CA LEU A 326 -1.66 -17.49 -7.67
C LEU A 326 -0.98 -16.15 -7.44
N HIS A 327 -0.04 -16.12 -6.49
CA HIS A 327 0.78 -14.92 -6.30
C HIS A 327 1.55 -14.60 -7.58
N MET A 328 2.02 -15.63 -8.30
CA MET A 328 2.65 -15.39 -9.60
C MET A 328 1.63 -14.93 -10.63
N GLU A 329 0.47 -15.59 -10.65
CA GLU A 329 -0.55 -15.29 -11.65
C GLU A 329 -0.97 -13.83 -11.59
N GLY A 330 -1.12 -13.28 -10.39
CA GLY A 330 -1.46 -11.87 -10.25
C GLY A 330 -0.42 -10.95 -10.86
N LEU A 331 0.85 -11.23 -10.62
CA LEU A 331 1.92 -10.44 -11.23
C LEU A 331 1.87 -10.50 -12.74
N ILE A 332 1.49 -11.66 -13.29
CA ILE A 332 1.47 -11.83 -14.75
C ILE A 332 0.29 -11.09 -15.37
N VAL A 333 -0.93 -11.34 -14.85
CA VAL A 333 -2.11 -10.65 -15.37
C VAL A 333 -1.91 -9.14 -15.39
N ARG A 334 -1.46 -8.58 -14.28
CA ARG A 334 -1.25 -7.15 -14.23
C ARG A 334 -0.16 -6.71 -15.21
N GLU A 335 0.93 -7.48 -15.28
CA GLU A 335 1.98 -7.21 -16.25
C GLU A 335 1.38 -7.10 -17.65
N ARG A 336 0.43 -7.98 -17.98
CA ARG A 336 -0.24 -7.91 -19.26
C ARG A 336 -1.07 -6.64 -19.40
N ILE A 337 -1.93 -6.37 -18.42
CA ILE A 337 -2.93 -5.33 -18.57
C ILE A 337 -2.28 -3.95 -18.57
N LEU A 338 -1.44 -3.68 -17.59
CA LEU A 338 -0.84 -2.35 -17.53
C LEU A 338 0.53 -2.33 -18.19
N GLY A 339 1.55 -2.76 -17.47
CA GLY A 339 2.91 -2.74 -17.98
C GLY A 339 3.10 -3.47 -19.29
N HIS B 2 -21.38 -50.58 4.31
CA HIS B 2 -21.18 -51.59 5.35
C HIS B 2 -21.04 -50.95 6.72
N MET B 3 -20.05 -51.43 7.47
CA MET B 3 -19.73 -51.03 8.83
C MET B 3 -19.01 -49.62 8.88
N GLU B 4 -19.02 -48.97 7.72
CA GLU B 4 -18.43 -47.65 7.56
C GLU B 4 -19.24 -46.53 8.21
N GLY B 5 -20.48 -46.81 8.62
CA GLY B 5 -21.21 -45.83 9.41
C GLY B 5 -20.60 -45.67 10.79
N LEU B 6 -20.26 -46.79 11.44
CA LEU B 6 -19.59 -46.75 12.73
C LEU B 6 -18.23 -46.06 12.61
N ALA B 7 -17.56 -46.24 11.47
CA ALA B 7 -16.28 -45.56 11.25
C ALA B 7 -16.39 -44.05 11.44
N GLY B 8 -17.57 -43.48 11.16
CA GLY B 8 -17.77 -42.06 11.35
C GLY B 8 -17.80 -41.65 12.81
N TYR B 9 -18.20 -42.56 13.70
CA TYR B 9 -18.14 -42.25 15.13
C TYR B 9 -16.70 -42.22 15.62
N VAL B 10 -15.88 -43.15 15.14
CA VAL B 10 -14.45 -43.15 15.46
C VAL B 10 -13.82 -41.83 15.03
N TYR B 11 -14.16 -41.36 13.83
CA TYR B 11 -13.64 -40.08 13.35
C TYR B 11 -14.06 -38.92 14.24
N LYS B 12 -15.35 -38.85 14.58
CA LYS B 12 -15.84 -37.74 15.41
C LYS B 12 -15.15 -37.72 16.76
N ALA B 13 -14.94 -38.89 17.37
CA ALA B 13 -14.23 -38.96 18.64
C ALA B 13 -12.81 -38.39 18.51
N ALA B 14 -12.12 -38.74 17.43
CA ALA B 14 -10.76 -38.23 17.24
C ALA B 14 -10.76 -36.73 16.97
N SER B 15 -11.63 -36.28 16.05
CA SER B 15 -11.68 -34.86 15.72
C SER B 15 -12.01 -34.00 16.94
N GLU B 16 -12.91 -34.48 17.80
CA GLU B 16 -13.33 -33.71 18.97
C GLU B 16 -12.45 -33.95 20.19
N GLY B 17 -11.59 -34.98 20.16
CA GLY B 17 -10.69 -35.21 21.26
C GLY B 17 -11.26 -35.96 22.45
N LYS B 18 -12.40 -36.65 22.27
CA LYS B 18 -13.01 -37.41 23.36
C LYS B 18 -12.35 -38.79 23.41
N VAL B 19 -11.30 -38.90 24.22
CA VAL B 19 -10.43 -40.08 24.20
C VAL B 19 -11.16 -41.30 24.76
N LEU B 20 -12.01 -41.10 25.78
CA LEU B 20 -12.77 -42.22 26.30
C LEU B 20 -13.79 -42.73 25.28
N THR B 21 -14.38 -41.81 24.50
CA THR B 21 -15.25 -42.21 23.41
C THR B 21 -14.48 -43.02 22.36
N LEU B 22 -13.29 -42.56 22.00
CA LEU B 22 -12.44 -43.35 21.12
C LEU B 22 -12.15 -44.73 21.71
N ALA B 23 -11.74 -44.77 22.97
CA ALA B 23 -11.41 -46.03 23.63
C ALA B 23 -12.59 -47.00 23.60
N ALA B 24 -13.78 -46.53 24.01
CA ALA B 24 -14.94 -47.40 24.06
C ALA B 24 -15.27 -47.96 22.68
N LEU B 25 -15.20 -47.12 21.64
CA LEU B 25 -15.52 -47.57 20.30
C LEU B 25 -14.53 -48.61 19.80
N LEU B 26 -13.25 -48.46 20.11
CA LEU B 26 -12.23 -49.29 19.45
C LEU B 26 -12.04 -50.64 20.15
N LEU B 27 -12.22 -50.70 21.47
CA LEU B 27 -12.23 -52.00 22.12
C LEU B 27 -13.37 -52.83 21.57
N ASN B 28 -13.30 -54.15 21.78
CA ASN B 28 -14.31 -55.10 21.34
C ASN B 28 -14.32 -55.28 19.82
N ARG B 29 -13.18 -55.06 19.16
CA ARG B 29 -13.08 -55.13 17.71
C ARG B 29 -11.86 -55.97 17.34
N SER B 30 -12.05 -56.90 16.41
CA SER B 30 -10.94 -57.72 15.93
C SER B 30 -9.81 -56.84 15.38
N GLU B 31 -8.64 -57.45 15.23
CA GLU B 31 -7.52 -56.75 14.61
C GLU B 31 -7.88 -56.33 13.19
N SER B 32 -8.52 -57.22 12.43
CA SER B 32 -9.02 -56.88 11.10
C SER B 32 -9.91 -55.64 11.13
N ASP B 33 -10.87 -55.60 12.07
CA ASP B 33 -11.79 -54.46 12.12
C ASP B 33 -11.05 -53.16 12.44
N ILE B 34 -10.12 -53.20 13.40
CA ILE B 34 -9.44 -51.97 13.83
C ILE B 34 -8.72 -51.32 12.65
N ARG B 35 -8.02 -52.13 11.85
CA ARG B 35 -7.33 -51.60 10.67
C ARG B 35 -8.28 -50.82 9.78
N TYR B 36 -9.50 -51.30 9.61
CA TYR B 36 -10.49 -50.59 8.80
C TYR B 36 -10.82 -49.22 9.39
N LEU B 37 -11.18 -49.21 10.68
CA LEU B 37 -11.76 -48.03 11.31
C LEU B 37 -10.75 -46.91 11.49
N LEU B 38 -9.49 -47.24 11.77
CA LEU B 38 -8.48 -46.23 12.00
C LEU B 38 -7.87 -45.70 10.72
N GLY B 39 -8.00 -46.43 9.61
CA GLY B 39 -7.53 -45.98 8.31
C GLY B 39 -8.62 -45.49 7.38
N TYR B 40 -9.84 -45.30 7.87
CA TYR B 40 -10.94 -44.84 7.02
C TYR B 40 -10.76 -43.36 6.68
N VAL B 41 -10.70 -43.06 5.39
CA VAL B 41 -10.61 -41.69 4.91
C VAL B 41 -12.00 -41.05 4.98
N SER B 42 -12.13 -40.02 5.81
CA SER B 42 -13.40 -39.39 6.11
C SER B 42 -13.54 -38.05 5.37
N GLN B 43 -14.68 -37.86 4.71
CA GLN B 43 -14.91 -36.64 3.94
C GLN B 43 -15.70 -35.60 4.71
N GLN B 44 -15.72 -35.70 6.04
CA GLN B 44 -16.38 -34.70 6.88
C GLN B 44 -15.69 -33.35 6.75
N GLY B 45 -16.47 -32.32 6.42
CA GLY B 45 -15.91 -30.99 6.19
C GLY B 45 -15.33 -30.85 4.79
N GLY B 46 -14.64 -29.74 4.59
CA GLY B 46 -13.94 -29.50 3.34
C GLY B 46 -12.67 -30.31 3.16
N GLN B 47 -12.52 -31.36 3.96
CA GLN B 47 -11.28 -32.11 4.06
C GLN B 47 -11.40 -33.55 3.60
N ARG B 48 -10.39 -34.35 3.94
CA ARG B 48 -10.35 -35.79 3.74
C ARG B 48 -9.20 -36.31 4.58
N SER B 49 -9.50 -37.17 5.56
CA SER B 49 -8.49 -37.48 6.57
C SER B 49 -8.85 -38.77 7.29
N THR B 50 -7.90 -39.21 8.11
CA THR B 50 -8.03 -40.35 9.01
C THR B 50 -8.07 -39.84 10.45
N PRO B 51 -8.57 -40.65 11.39
CA PRO B 51 -8.58 -40.21 12.80
C PRO B 51 -7.27 -39.62 13.31
N LEU B 52 -6.14 -40.30 13.08
CA LEU B 52 -4.87 -39.77 13.57
C LEU B 52 -4.56 -38.41 12.95
N ILE B 53 -4.79 -38.25 11.65
CA ILE B 53 -4.47 -36.97 11.00
C ILE B 53 -5.32 -35.84 11.59
N ILE B 54 -6.63 -36.08 11.73
CA ILE B 54 -7.50 -35.03 12.25
C ILE B 54 -7.22 -34.79 13.73
N ALA B 55 -6.98 -35.87 14.50
CA ALA B 55 -6.56 -35.70 15.89
C ALA B 55 -5.33 -34.81 15.98
N ALA B 56 -4.33 -35.07 15.12
CA ALA B 56 -3.14 -34.23 15.08
C ALA B 56 -3.49 -32.79 14.72
N ARG B 57 -4.23 -32.60 13.62
CA ARG B 57 -4.60 -31.27 13.16
C ARG B 57 -5.24 -30.43 14.26
N ASN B 58 -5.95 -31.06 15.19
CA ASN B 58 -6.66 -30.35 16.25
C ASN B 58 -5.91 -30.38 17.59
N GLY B 59 -4.68 -30.88 17.61
CA GLY B 59 -3.86 -30.84 18.80
C GLY B 59 -4.40 -31.62 19.98
N HIS B 60 -5.02 -32.77 19.71
CA HIS B 60 -5.53 -33.65 20.76
C HIS B 60 -4.47 -34.69 21.07
N ALA B 61 -3.57 -34.34 22.00
CA ALA B 61 -2.40 -35.17 22.27
C ALA B 61 -2.79 -36.56 22.77
N LYS B 62 -3.66 -36.61 23.79
CA LYS B 62 -4.07 -37.90 24.36
C LYS B 62 -4.67 -38.80 23.29
N VAL B 63 -5.56 -38.24 22.46
CA VAL B 63 -6.11 -38.99 21.33
C VAL B 63 -4.99 -39.43 20.39
N VAL B 64 -4.00 -38.56 20.17
CA VAL B 64 -2.86 -38.91 19.33
C VAL B 64 -2.01 -39.96 20.02
N ARG B 65 -1.68 -39.73 21.30
CA ARG B 65 -0.89 -40.70 22.06
C ARG B 65 -1.54 -42.07 22.06
N LEU B 66 -2.86 -42.12 22.10
CA LEU B 66 -3.56 -43.41 22.15
C LEU B 66 -3.32 -44.19 20.87
N LEU B 67 -3.60 -43.59 19.72
CA LEU B 67 -3.45 -44.29 18.45
C LEU B 67 -2.01 -44.74 18.23
N LEU B 68 -1.04 -44.01 18.78
CA LEU B 68 0.36 -44.33 18.57
C LEU B 68 0.84 -45.43 19.51
N GLU B 69 0.71 -45.21 20.83
CA GLU B 69 1.27 -46.16 21.80
C GLU B 69 0.49 -47.45 21.85
N HIS B 70 -0.80 -47.44 21.50
CA HIS B 70 -1.68 -48.56 21.78
C HIS B 70 -2.29 -49.21 20.54
N TYR B 71 -2.13 -48.63 19.35
CA TYR B 71 -2.73 -49.25 18.17
C TYR B 71 -1.78 -49.32 16.97
N ARG B 72 -0.49 -49.04 17.15
CA ARG B 72 0.51 -49.05 16.09
C ARG B 72 -0.08 -48.61 14.76
N VAL B 73 -0.52 -47.35 14.68
CA VAL B 73 -1.15 -46.82 13.47
C VAL B 73 -0.07 -46.15 12.63
N GLN B 74 -0.06 -46.47 11.34
CA GLN B 74 0.95 -45.92 10.43
C GLN B 74 0.91 -44.40 10.47
N THR B 75 2.08 -43.79 10.68
CA THR B 75 2.19 -42.34 10.70
C THR B 75 2.37 -41.73 9.31
N GLN B 76 2.71 -42.54 8.31
CA GLN B 76 2.87 -42.03 6.96
C GLN B 76 1.55 -41.72 6.27
N GLN B 77 0.42 -41.99 6.91
CA GLN B 77 -0.88 -41.65 6.34
C GLN B 77 -0.94 -40.20 5.92
N THR B 78 -1.38 -39.97 4.70
CA THR B 78 -1.57 -38.62 4.17
C THR B 78 -3.05 -38.34 3.99
N GLY B 79 -3.34 -37.08 3.68
CA GLY B 79 -4.72 -36.68 3.50
C GLY B 79 -4.80 -35.24 3.02
N THR B 80 -6.02 -34.73 3.00
CA THR B 80 -6.32 -33.39 2.50
C THR B 80 -7.03 -32.62 3.59
N VAL B 81 -6.50 -31.45 3.93
CA VAL B 81 -6.86 -30.76 5.17
C VAL B 81 -7.03 -29.27 4.88
N ARG B 82 -8.21 -28.73 5.20
CA ARG B 82 -8.42 -27.30 5.13
C ARG B 82 -7.61 -26.60 6.21
N PHE B 83 -6.83 -25.61 5.81
CA PHE B 83 -6.02 -24.83 6.75
C PHE B 83 -6.44 -23.37 6.66
N ASP B 84 -7.63 -23.08 7.17
CA ASP B 84 -8.14 -21.72 7.35
C ASP B 84 -8.07 -20.92 6.05
N GLY B 85 -8.81 -21.40 5.06
CA GLY B 85 -8.90 -20.81 3.74
C GLY B 85 -8.50 -21.72 2.60
N TYR B 86 -7.33 -22.33 2.67
CA TYR B 86 -6.85 -23.23 1.63
C TYR B 86 -7.11 -24.67 2.02
N VAL B 87 -6.98 -25.56 1.03
CA VAL B 87 -7.12 -27.00 1.23
C VAL B 87 -5.82 -27.63 0.73
N ILE B 88 -5.03 -28.13 1.67
CA ILE B 88 -3.67 -28.59 1.40
C ILE B 88 -3.70 -30.11 1.28
N ASP B 89 -3.25 -30.61 0.12
CA ASP B 89 -3.31 -32.03 -0.19
C ASP B 89 -1.97 -32.71 0.04
N GLY B 90 -2.03 -33.97 0.46
CA GLY B 90 -0.83 -34.73 0.74
C GLY B 90 -0.26 -34.52 2.12
N ALA B 91 -1.06 -33.98 3.05
CA ALA B 91 -0.57 -33.58 4.35
C ALA B 91 -0.50 -34.77 5.31
N THR B 92 0.53 -34.79 6.13
CA THR B 92 0.71 -35.80 7.16
C THR B 92 0.22 -35.24 8.50
N ALA B 93 -0.18 -36.15 9.40
CA ALA B 93 -0.44 -35.80 10.79
C ALA B 93 0.63 -34.86 11.33
N LEU B 94 1.89 -35.18 11.08
CA LEU B 94 2.99 -34.33 11.52
C LEU B 94 2.90 -32.95 10.88
N TRP B 95 2.81 -32.91 9.54
CA TRP B 95 2.68 -31.65 8.82
C TRP B 95 1.52 -30.83 9.37
N CYS B 96 0.35 -31.46 9.52
CA CYS B 96 -0.79 -30.78 10.14
C CYS B 96 -0.45 -30.28 11.53
N ALA B 97 0.28 -31.09 12.30
CA ALA B 97 0.61 -30.70 13.68
C ALA B 97 1.61 -29.57 13.74
N ALA B 98 2.42 -29.39 12.69
CA ALA B 98 3.35 -28.27 12.64
C ALA B 98 2.66 -26.97 12.22
N GLY B 99 1.80 -27.04 11.20
CA GLY B 99 1.10 -25.84 10.76
C GLY B 99 0.21 -25.25 11.83
N ALA B 100 -0.57 -26.09 12.51
CA ALA B 100 -1.44 -25.60 13.57
C ALA B 100 -0.69 -25.29 14.86
N GLY B 101 0.59 -25.60 14.93
CA GLY B 101 1.38 -25.23 16.09
C GLY B 101 1.12 -26.07 17.32
N HIS B 102 0.72 -27.32 17.17
CA HIS B 102 0.51 -28.21 18.30
C HIS B 102 1.83 -28.90 18.59
N PHE B 103 2.67 -28.22 19.38
CA PHE B 103 4.02 -28.71 19.69
C PHE B 103 3.95 -30.08 20.33
N GLU B 104 3.10 -30.25 21.34
CA GLU B 104 3.01 -31.50 22.07
C GLU B 104 2.64 -32.65 21.14
N VAL B 105 1.81 -32.38 20.13
CA VAL B 105 1.49 -33.41 19.14
C VAL B 105 2.70 -33.68 18.22
N VAL B 106 3.46 -32.63 17.89
CA VAL B 106 4.67 -32.80 17.09
C VAL B 106 5.65 -33.73 17.79
N LYS B 107 5.88 -33.49 19.09
CA LYS B 107 6.78 -34.35 19.86
C LYS B 107 6.31 -35.80 19.88
N LEU B 108 5.04 -36.02 20.23
CA LEU B 108 4.48 -37.38 20.20
C LEU B 108 4.72 -38.05 18.85
N LEU B 109 4.41 -37.35 17.76
CA LEU B 109 4.51 -37.96 16.43
C LEU B 109 5.97 -38.22 16.06
N VAL B 110 6.84 -37.23 16.28
CA VAL B 110 8.25 -37.40 15.92
C VAL B 110 8.95 -38.40 16.83
N SER B 111 8.56 -38.45 18.11
CA SER B 111 9.16 -39.42 19.03
C SER B 111 8.83 -40.85 18.61
N HIS B 112 7.57 -41.13 18.27
CA HIS B 112 7.18 -42.45 17.75
C HIS B 112 7.54 -42.66 16.30
N GLY B 113 8.65 -42.09 15.82
CA GLY B 113 9.06 -42.20 14.43
C GLY B 113 8.05 -41.70 13.43
N ALA B 114 8.39 -40.62 12.74
CA ALA B 114 7.53 -40.01 11.74
C ALA B 114 8.43 -39.28 10.77
N ASN B 115 8.32 -39.59 9.48
CA ASN B 115 9.24 -39.02 8.51
C ASN B 115 9.10 -37.50 8.51
N VAL B 116 10.04 -36.84 9.20
CA VAL B 116 9.99 -35.39 9.35
C VAL B 116 10.19 -34.66 8.04
N ASN B 117 10.68 -35.36 7.01
CA ASN B 117 10.86 -34.76 5.70
C ASN B 117 9.79 -35.18 4.71
N HIS B 118 8.76 -35.91 5.15
CA HIS B 118 7.70 -36.30 4.24
C HIS B 118 6.94 -35.05 3.82
N THR B 119 6.73 -34.93 2.52
CA THR B 119 6.35 -33.66 1.90
C THR B 119 4.86 -33.56 1.58
N THR B 120 4.40 -32.31 1.50
CA THR B 120 3.10 -31.96 0.95
C THR B 120 3.17 -32.06 -0.58
N VAL B 121 2.04 -31.82 -1.27
CA VAL B 121 2.04 -31.91 -2.72
C VAL B 121 2.81 -30.75 -3.34
N THR B 122 2.80 -29.57 -2.70
CA THR B 122 3.61 -28.45 -3.12
C THR B 122 5.04 -28.53 -2.60
N ASN B 123 5.39 -29.64 -1.97
CA ASN B 123 6.74 -29.92 -1.46
C ASN B 123 7.07 -29.09 -0.22
N SER B 124 6.11 -28.99 0.69
CA SER B 124 6.28 -28.29 1.95
C SER B 124 6.60 -29.31 3.05
N THR B 125 7.79 -29.21 3.63
CA THR B 125 8.12 -30.01 4.79
C THR B 125 7.33 -29.53 6.01
N PRO B 126 7.10 -30.41 6.99
CA PRO B 126 6.60 -29.93 8.29
C PRO B 126 7.43 -28.79 8.85
N LEU B 127 8.72 -28.75 8.53
CA LEU B 127 9.56 -27.62 8.92
C LEU B 127 9.10 -26.33 8.23
N ARG B 128 8.82 -26.40 6.92
CA ARG B 128 8.37 -25.23 6.18
C ARG B 128 7.12 -24.62 6.79
N ALA B 129 6.11 -25.45 7.07
CA ALA B 129 4.93 -25.03 7.80
C ALA B 129 5.28 -24.15 8.99
N ALA B 130 6.08 -24.70 9.92
CA ALA B 130 6.50 -23.97 11.11
C ALA B 130 7.22 -22.67 10.76
N CYS B 131 7.98 -22.66 9.67
CA CYS B 131 8.72 -21.44 9.29
C CYS B 131 7.78 -20.36 8.78
N PHE B 132 6.76 -20.75 8.00
CA PHE B 132 5.74 -19.79 7.56
C PHE B 132 5.07 -19.13 8.75
N ASP B 133 4.81 -19.90 9.80
CA ASP B 133 4.05 -19.47 10.96
C ASP B 133 4.93 -18.89 12.07
N GLY B 134 6.24 -19.02 11.95
CA GLY B 134 7.11 -18.47 12.97
C GLY B 134 7.13 -19.27 14.26
N ARG B 135 6.61 -20.49 14.25
CA ARG B 135 6.69 -21.32 15.44
C ARG B 135 8.14 -21.76 15.66
N LEU B 136 8.88 -20.99 16.47
CA LEU B 136 10.28 -21.28 16.68
C LEU B 136 10.48 -22.54 17.51
N ASP B 137 9.58 -22.79 18.47
CA ASP B 137 9.64 -24.03 19.24
C ASP B 137 9.76 -25.24 18.32
N ILE B 138 8.89 -25.30 17.31
CA ILE B 138 8.86 -26.44 16.40
C ILE B 138 10.07 -26.43 15.48
N VAL B 139 10.46 -25.26 14.99
CA VAL B 139 11.62 -25.15 14.11
C VAL B 139 12.87 -25.68 14.81
N LYS B 140 13.09 -25.24 16.05
CA LYS B 140 14.25 -25.74 16.81
C LYS B 140 14.16 -27.25 17.02
N TYR B 141 12.97 -27.75 17.38
CA TYR B 141 12.81 -29.17 17.65
C TYR B 141 13.05 -30.00 16.40
N LEU B 142 12.43 -29.62 15.28
CA LEU B 142 12.56 -30.39 14.06
C LEU B 142 14.01 -30.50 13.60
N VAL B 143 14.71 -29.37 13.51
CA VAL B 143 16.10 -29.38 13.06
C VAL B 143 16.93 -30.33 13.92
N GLU B 144 16.74 -30.28 15.24
CA GLU B 144 17.40 -31.19 16.17
C GLU B 144 16.94 -32.63 16.04
N ASN B 145 16.04 -32.95 15.12
CA ASN B 145 15.53 -34.30 14.91
C ASN B 145 15.68 -34.71 13.45
N ASN B 146 16.76 -34.28 12.81
CA ASN B 146 17.18 -34.70 11.47
C ASN B 146 16.32 -34.07 10.37
N ALA B 147 15.54 -33.04 10.69
CA ALA B 147 14.83 -32.30 9.65
C ALA B 147 15.81 -31.66 8.68
N ASN B 148 15.48 -31.74 7.39
CA ASN B 148 16.36 -31.22 6.35
C ASN B 148 15.96 -29.78 6.06
N ILE B 149 16.85 -28.85 6.39
CA ILE B 149 16.60 -27.42 6.18
C ILE B 149 16.54 -27.09 4.69
N SER B 150 17.10 -27.93 3.84
CA SER B 150 17.27 -27.61 2.43
C SER B 150 16.13 -28.09 1.54
N ILE B 151 15.19 -28.88 2.07
CA ILE B 151 14.07 -29.31 1.25
C ILE B 151 13.17 -28.11 1.01
N ALA B 152 12.95 -27.76 -0.26
CA ALA B 152 12.21 -26.56 -0.62
C ALA B 152 10.98 -26.92 -1.44
N ASN B 153 10.05 -25.97 -1.49
CA ASN B 153 8.74 -26.22 -2.08
C ASN B 153 8.84 -26.38 -3.59
N LYS B 154 7.67 -26.59 -4.20
CA LYS B 154 7.55 -26.84 -5.64
C LYS B 154 8.26 -25.79 -6.49
N TYR B 155 8.49 -24.58 -5.97
CA TYR B 155 9.09 -23.50 -6.74
C TYR B 155 10.46 -23.10 -6.18
N ASP B 156 11.11 -23.98 -5.43
CA ASP B 156 12.43 -23.76 -4.84
C ASP B 156 12.40 -22.65 -3.79
N ASN B 157 11.23 -22.34 -3.24
CA ASN B 157 11.12 -21.40 -2.13
C ASN B 157 11.48 -22.13 -0.83
N THR B 158 12.60 -21.75 -0.23
CA THR B 158 13.13 -22.46 0.92
C THR B 158 12.49 -21.98 2.22
N CYS B 159 12.73 -22.74 3.29
CA CYS B 159 12.31 -22.35 4.63
C CYS B 159 12.88 -20.99 5.01
N LEU B 160 14.13 -20.72 4.64
CA LEU B 160 14.75 -19.45 5.00
C LEU B 160 14.06 -18.28 4.30
N MET B 161 13.69 -18.43 3.03
CA MET B 161 13.01 -17.35 2.30
C MET B 161 11.66 -17.02 2.94
N ILE B 162 10.86 -18.05 3.26
CA ILE B 162 9.52 -17.79 3.79
C ILE B 162 9.59 -17.17 5.18
N ALA B 163 10.52 -17.63 6.02
CA ALA B 163 10.72 -16.99 7.32
C ALA B 163 11.11 -15.52 7.17
N ALA B 164 11.88 -15.20 6.13
CA ALA B 164 12.26 -13.81 5.89
C ALA B 164 11.08 -12.99 5.37
N TYR B 165 10.39 -13.50 4.34
CA TYR B 165 9.24 -12.81 3.78
C TYR B 165 8.20 -12.50 4.85
N LYS B 166 7.92 -13.47 5.72
CA LYS B 166 6.95 -13.28 6.79
C LYS B 166 7.53 -12.53 8.00
N GLY B 167 8.84 -12.29 8.03
CA GLY B 167 9.42 -11.47 9.08
C GLY B 167 9.66 -12.16 10.42
N HIS B 168 10.05 -13.43 10.39
CA HIS B 168 10.28 -14.19 11.62
C HIS B 168 11.76 -14.13 12.04
N THR B 169 12.21 -12.91 12.35
CA THR B 169 13.60 -12.63 12.70
C THR B 169 14.26 -13.70 13.57
N ASP B 170 13.60 -14.12 14.66
CA ASP B 170 14.14 -15.19 15.48
C ASP B 170 14.35 -16.46 14.66
N VAL B 171 13.33 -16.88 13.92
CA VAL B 171 13.43 -18.08 13.11
C VAL B 171 14.52 -17.90 12.04
N VAL B 172 14.58 -16.74 11.42
CA VAL B 172 15.62 -16.46 10.43
C VAL B 172 17.00 -16.60 11.07
N ARG B 173 17.18 -15.97 12.23
CA ARG B 173 18.48 -16.01 12.90
C ARG B 173 18.87 -17.45 13.26
N TYR B 174 17.91 -18.27 13.68
CA TYR B 174 18.21 -19.66 13.99
C TYR B 174 18.65 -20.42 12.75
N LEU B 175 17.86 -20.35 11.67
CA LEU B 175 18.19 -21.08 10.45
C LEU B 175 19.56 -20.70 9.93
N LEU B 176 19.93 -19.42 10.05
CA LEU B 176 21.23 -18.97 9.59
C LEU B 176 22.33 -19.55 10.46
N GLU B 177 22.12 -19.58 11.78
CA GLU B 177 23.07 -20.23 12.68
C GLU B 177 23.25 -21.69 12.33
N GLN B 178 22.19 -22.35 11.88
CA GLN B 178 22.27 -23.74 11.49
C GLN B 178 22.81 -23.88 10.06
N ARG B 179 23.59 -22.87 9.66
CA ARG B 179 24.23 -22.80 8.35
C ARG B 179 23.28 -23.13 7.20
N ALA B 180 22.12 -22.46 7.19
CA ALA B 180 21.21 -22.53 6.06
C ALA B 180 21.71 -21.55 5.00
N ASP B 181 21.62 -21.95 3.73
CA ASP B 181 22.27 -21.18 2.68
C ASP B 181 21.42 -20.00 2.22
N PRO B 182 21.84 -18.77 2.51
CA PRO B 182 21.08 -17.60 2.04
C PRO B 182 21.16 -17.39 0.55
N ASN B 183 22.17 -17.93 -0.13
CA ASN B 183 22.40 -17.65 -1.54
C ASN B 183 21.46 -18.43 -2.45
N ALA B 184 20.55 -19.22 -1.89
CA ALA B 184 19.64 -19.98 -2.73
C ALA B 184 18.76 -19.04 -3.55
N LYS B 185 18.54 -19.39 -4.81
CA LYS B 185 17.60 -18.68 -5.64
C LYS B 185 16.31 -19.50 -5.76
N ALA B 186 15.25 -18.82 -6.18
CA ALA B 186 13.96 -19.47 -6.37
C ALA B 186 13.59 -19.45 -7.85
N HIS B 187 12.49 -20.12 -8.18
CA HIS B 187 12.05 -20.24 -9.56
C HIS B 187 11.95 -18.88 -10.26
N CYS B 188 11.70 -17.82 -9.50
CA CYS B 188 11.61 -16.47 -10.04
C CYS B 188 12.89 -15.68 -9.82
N GLY B 189 13.97 -16.33 -9.38
CA GLY B 189 15.24 -15.67 -9.18
C GLY B 189 15.43 -15.04 -7.82
N ALA B 190 14.37 -14.83 -7.05
CA ALA B 190 14.49 -14.12 -5.78
C ALA B 190 15.21 -14.97 -4.74
N THR B 191 16.00 -14.31 -3.91
CA THR B 191 16.67 -14.93 -2.77
C THR B 191 16.06 -14.39 -1.48
N ALA B 192 16.46 -15.01 -0.37
CA ALA B 192 16.00 -14.58 0.95
C ALA B 192 16.18 -13.08 1.13
N LEU B 193 17.31 -12.54 0.65
CA LEU B 193 17.56 -11.11 0.75
C LEU B 193 16.49 -10.33 -0.02
N HIS B 194 16.24 -10.71 -1.27
CA HIS B 194 15.22 -10.08 -2.10
C HIS B 194 13.87 -9.99 -1.37
N PHE B 195 13.36 -11.13 -0.90
CA PHE B 195 12.09 -11.15 -0.18
C PHE B 195 12.11 -10.20 1.01
N ALA B 196 13.07 -10.39 1.92
CA ALA B 196 13.18 -9.56 3.12
C ALA B 196 13.46 -8.09 2.81
N ALA B 197 13.75 -7.75 1.56
CA ALA B 197 13.96 -6.36 1.18
C ALA B 197 12.65 -5.70 0.78
N GLU B 198 11.91 -6.34 -0.14
CA GLU B 198 10.60 -5.84 -0.55
C GLU B 198 9.66 -5.64 0.63
N ALA B 199 9.80 -6.44 1.69
CA ALA B 199 8.93 -6.34 2.84
C ALA B 199 9.52 -5.48 3.95
N GLY B 200 10.71 -4.92 3.76
CA GLY B 200 11.28 -3.95 4.68
C GLY B 200 11.55 -4.46 6.08
N HIS B 201 11.97 -5.72 6.21
CA HIS B 201 12.31 -6.30 7.51
C HIS B 201 13.79 -6.03 7.78
N ILE B 202 14.05 -4.91 8.46
CA ILE B 202 15.41 -4.38 8.57
C ILE B 202 16.31 -5.33 9.34
N ASP B 203 15.87 -5.78 10.52
CA ASP B 203 16.67 -6.73 11.31
C ASP B 203 17.02 -7.98 10.51
N ILE B 204 16.04 -8.54 9.81
CA ILE B 204 16.30 -9.74 9.01
C ILE B 204 17.33 -9.46 7.93
N VAL B 205 17.26 -8.27 7.33
CA VAL B 205 18.25 -7.89 6.32
C VAL B 205 19.65 -7.83 6.95
N LYS B 206 19.73 -7.27 8.17
CA LYS B 206 21.00 -7.24 8.88
C LYS B 206 21.54 -8.65 9.12
N GLU B 207 20.66 -9.59 9.49
CA GLU B 207 21.09 -10.96 9.76
C GLU B 207 21.70 -11.60 8.53
N LEU B 208 21.00 -11.52 7.39
CA LEU B 208 21.51 -12.15 6.18
C LEU B 208 22.88 -11.61 5.78
N ILE B 209 23.10 -10.31 5.99
CA ILE B 209 24.42 -9.72 5.71
C ILE B 209 25.47 -10.29 6.65
N LYS B 210 25.17 -10.30 7.95
CA LYS B 210 26.09 -10.85 8.94
C LYS B 210 26.55 -12.26 8.55
N TRP B 211 25.75 -12.99 7.80
CA TRP B 211 26.04 -14.36 7.37
C TRP B 211 26.43 -14.46 5.89
N ARG B 212 27.16 -13.47 5.40
CA ARG B 212 27.80 -13.52 4.07
C ARG B 212 26.79 -13.88 2.98
N ALA B 213 25.64 -13.20 3.00
CA ALA B 213 24.67 -13.36 1.93
C ALA B 213 25.12 -12.60 0.70
N ALA B 214 24.88 -13.19 -0.47
CA ALA B 214 25.34 -12.62 -1.72
C ALA B 214 24.35 -11.59 -2.26
N ILE B 215 24.88 -10.52 -2.82
CA ILE B 215 24.05 -9.60 -3.60
C ILE B 215 23.97 -10.18 -5.01
N VAL B 216 22.80 -10.67 -5.38
CA VAL B 216 22.56 -11.22 -6.69
C VAL B 216 21.37 -10.49 -7.29
N VAL B 217 21.06 -10.82 -8.51
CA VAL B 217 20.10 -10.08 -9.30
C VAL B 217 18.79 -10.86 -9.35
N ASN B 218 17.68 -10.16 -9.13
CA ASN B 218 16.34 -10.72 -9.23
C ASN B 218 16.10 -11.42 -10.56
N GLY B 219 15.06 -12.23 -10.64
CA GLY B 219 14.58 -12.65 -11.94
C GLY B 219 14.15 -11.47 -12.80
N HIS B 220 13.89 -10.32 -12.19
CA HIS B 220 13.60 -9.10 -12.91
C HIS B 220 14.82 -8.23 -13.16
N GLY B 221 16.02 -8.72 -12.87
CA GLY B 221 17.23 -7.92 -12.97
C GLY B 221 17.46 -6.92 -11.85
N MET B 222 16.90 -7.17 -10.66
CA MET B 222 16.93 -6.20 -9.56
C MET B 222 17.70 -6.76 -8.37
N THR B 223 18.71 -6.01 -7.92
CA THR B 223 19.35 -6.34 -6.67
C THR B 223 18.39 -6.08 -5.52
N PRO B 224 18.58 -6.73 -4.36
CA PRO B 224 17.73 -6.42 -3.20
C PRO B 224 17.63 -4.94 -2.91
N LEU B 225 18.70 -4.19 -3.17
CA LEU B 225 18.65 -2.73 -3.13
C LEU B 225 17.52 -2.19 -4.00
N LYS B 226 17.56 -2.50 -5.29
CA LYS B 226 16.54 -2.00 -6.21
C LYS B 226 15.16 -2.56 -5.91
N VAL B 227 15.08 -3.69 -5.21
CA VAL B 227 13.78 -4.22 -4.81
C VAL B 227 13.22 -3.45 -3.62
N ALA B 228 14.10 -3.05 -2.68
CA ALA B 228 13.66 -2.25 -1.55
C ALA B 228 13.30 -0.84 -1.97
N ALA B 229 14.06 -0.27 -2.91
CA ALA B 229 13.72 1.03 -3.49
C ALA B 229 12.30 1.04 -4.04
N GLU B 230 11.99 0.08 -4.93
CA GLU B 230 10.65 0.03 -5.52
C GLU B 230 9.59 -0.18 -4.46
N SER B 231 9.89 -0.97 -3.42
CA SER B 231 8.97 -1.21 -2.32
C SER B 231 8.93 -0.06 -1.32
N CYS B 232 9.56 1.07 -1.63
CA CYS B 232 9.55 2.27 -0.79
C CYS B 232 9.95 1.93 0.65
N LYS B 233 11.14 1.34 0.77
CA LYS B 233 11.65 0.84 2.04
C LYS B 233 12.94 1.61 2.34
N ALA B 234 12.79 2.86 2.80
CA ALA B 234 13.94 3.75 2.90
C ALA B 234 15.02 3.20 3.82
N ASP B 235 14.62 2.81 5.05
CA ASP B 235 15.58 2.27 6.01
C ASP B 235 16.40 1.14 5.40
N VAL B 236 15.72 0.19 4.74
CA VAL B 236 16.42 -0.94 4.13
C VAL B 236 17.33 -0.47 3.02
N VAL B 237 16.85 0.47 2.19
CA VAL B 237 17.66 1.02 1.10
C VAL B 237 18.95 1.63 1.65
N GLU B 238 18.83 2.44 2.71
CA GLU B 238 20.01 3.08 3.27
C GLU B 238 20.98 2.04 3.81
N LEU B 239 20.47 1.00 4.48
CA LEU B 239 21.32 -0.09 4.94
C LEU B 239 22.10 -0.71 3.78
N LEU B 240 21.37 -1.20 2.78
CA LEU B 240 22.00 -1.79 1.59
C LEU B 240 22.98 -0.85 0.93
N LEU B 241 22.61 0.44 0.80
CA LEU B 241 23.50 1.39 0.15
C LEU B 241 24.85 1.48 0.85
N SER B 242 24.84 1.45 2.17
CA SER B 242 26.05 1.54 2.96
C SER B 242 26.67 0.16 3.21
N HIS B 243 26.89 -0.59 2.13
CA HIS B 243 27.59 -1.88 2.24
C HIS B 243 27.91 -2.52 0.89
N ALA B 244 27.03 -2.36 -0.09
CA ALA B 244 27.10 -3.19 -1.29
C ALA B 244 28.19 -2.76 -2.27
N ASP B 245 28.92 -1.70 -1.98
CA ASP B 245 29.92 -1.15 -2.91
C ASP B 245 29.27 -1.02 -4.28
N CYS B 246 28.16 -0.27 -4.30
CA CYS B 246 27.34 -0.11 -5.49
C CYS B 246 28.02 0.87 -6.43
N ASP B 247 28.09 0.51 -7.71
CA ASP B 247 28.52 1.46 -8.73
C ASP B 247 27.80 2.79 -8.51
N ARG B 248 28.57 3.88 -8.57
CA ARG B 248 28.03 5.23 -8.42
C ARG B 248 26.70 5.37 -9.16
N ARG B 249 26.61 4.74 -10.33
CA ARG B 249 25.37 4.72 -11.10
C ARG B 249 24.30 3.90 -10.39
N SER B 250 24.64 2.67 -9.99
CA SER B 250 23.70 1.82 -9.24
C SER B 250 23.04 2.59 -8.10
N ARG B 251 23.79 3.41 -7.36
CA ARG B 251 23.20 4.19 -6.29
C ARG B 251 22.11 5.14 -6.81
N ILE B 252 22.42 5.89 -7.87
CA ILE B 252 21.49 6.87 -8.41
C ILE B 252 20.15 6.21 -8.74
N GLU B 253 20.19 5.03 -9.38
CA GLU B 253 18.95 4.36 -9.75
C GLU B 253 18.12 4.00 -8.54
N ALA B 254 18.76 3.58 -7.45
CA ALA B 254 18.05 3.25 -6.23
C ALA B 254 17.44 4.48 -5.58
N LEU B 255 18.25 5.54 -5.43
CA LEU B 255 17.76 6.76 -4.81
C LEU B 255 16.60 7.36 -5.60
N GLU B 256 16.71 7.38 -6.93
CA GLU B 256 15.62 7.88 -7.76
C GLU B 256 14.37 7.01 -7.60
N LEU B 257 14.50 5.70 -7.85
CA LEU B 257 13.36 4.79 -7.75
C LEU B 257 12.70 4.89 -6.38
N LEU B 258 13.50 5.03 -5.31
CA LEU B 258 12.93 5.20 -3.99
C LEU B 258 12.11 6.49 -3.90
N GLY B 259 12.77 7.62 -4.13
CA GLY B 259 12.06 8.89 -4.15
C GLY B 259 10.80 8.84 -4.99
N ALA B 260 10.90 8.27 -6.20
CA ALA B 260 9.74 8.10 -7.06
C ALA B 260 8.65 7.28 -6.36
N SER B 261 9.03 6.17 -5.72
CA SER B 261 8.05 5.35 -5.03
C SER B 261 7.40 6.05 -3.84
N PHE B 262 7.96 7.17 -3.38
CA PHE B 262 7.37 7.87 -2.25
C PHE B 262 6.12 8.64 -2.65
N ALA B 263 5.97 8.93 -3.93
CA ALA B 263 4.77 9.58 -4.45
C ALA B 263 3.69 8.56 -4.77
N ASN B 264 4.09 7.39 -5.27
CA ASN B 264 3.13 6.41 -5.74
C ASN B 264 2.59 5.52 -4.61
N ASP B 265 3.40 5.28 -3.56
CA ASP B 265 3.11 4.37 -2.45
C ASP B 265 1.97 4.97 -1.63
N ARG B 266 0.73 4.68 -2.02
CA ARG B 266 -0.42 5.27 -1.34
C ARG B 266 -0.49 4.89 0.14
N GLU B 267 0.37 3.99 0.62
CA GLU B 267 0.43 3.64 2.03
C GLU B 267 1.46 4.46 2.80
N ASN B 268 2.61 4.72 2.18
CA ASN B 268 3.65 5.57 2.75
C ASN B 268 3.88 6.82 1.92
N TYR B 269 2.87 7.26 1.16
CA TYR B 269 3.02 8.41 0.27
C TYR B 269 3.50 9.63 1.03
N ASP B 270 4.60 10.22 0.56
CA ASP B 270 5.19 11.36 1.24
C ASP B 270 5.99 12.15 0.21
N ILE B 271 5.37 13.17 -0.38
CA ILE B 271 6.00 13.94 -1.45
C ILE B 271 7.21 14.74 -0.94
N ILE B 272 7.31 15.00 0.36
CA ILE B 272 8.48 15.73 0.85
C ILE B 272 9.72 14.85 0.77
N LYS B 273 9.57 13.55 0.99
CA LYS B 273 10.68 12.62 0.75
C LYS B 273 10.91 12.37 -0.73
N THR B 274 9.85 12.41 -1.55
CA THR B 274 10.01 12.33 -3.00
C THR B 274 11.01 13.37 -3.49
N TYR B 275 10.93 14.60 -2.99
CA TYR B 275 11.95 15.58 -3.33
C TYR B 275 13.29 15.23 -2.70
N HIS B 276 13.28 14.82 -1.43
CA HIS B 276 14.52 14.57 -0.69
C HIS B 276 15.41 13.57 -1.41
N TYR B 277 14.84 12.46 -1.88
CA TYR B 277 15.66 11.42 -2.50
C TYR B 277 15.95 11.72 -3.98
N LEU B 278 14.94 12.17 -4.73
CA LEU B 278 15.20 12.55 -6.11
C LEU B 278 16.23 13.67 -6.19
N TYR B 279 16.22 14.59 -5.22
CA TYR B 279 17.22 15.64 -5.26
C TYR B 279 18.59 15.13 -4.85
N LEU B 280 18.64 14.27 -3.83
CA LEU B 280 19.93 13.71 -3.42
C LEU B 280 20.56 12.93 -4.55
N ALA B 281 19.77 12.14 -5.28
CA ALA B 281 20.29 11.43 -6.43
C ALA B 281 20.72 12.37 -7.53
N MET B 282 20.14 13.56 -7.57
CA MET B 282 20.47 14.52 -8.62
C MET B 282 21.84 15.16 -8.40
N LEU B 283 22.16 15.57 -7.17
CA LEU B 283 23.51 16.08 -6.90
C LEU B 283 24.57 15.02 -7.21
N GLU B 284 24.34 13.77 -6.78
CA GLU B 284 25.31 12.71 -7.04
C GLU B 284 25.61 12.61 -8.54
N ARG B 285 24.61 12.89 -9.38
CA ARG B 285 24.85 12.93 -10.83
C ARG B 285 25.81 14.05 -11.20
N PHE B 286 25.71 15.18 -10.52
CA PHE B 286 26.31 16.44 -10.95
C PHE B 286 27.59 16.79 -10.21
N GLN B 287 28.29 15.80 -9.65
CA GLN B 287 29.56 16.09 -9.01
C GLN B 287 30.62 16.57 -9.99
N ASP B 288 30.49 16.24 -11.27
CA ASP B 288 31.44 16.72 -12.27
C ASP B 288 30.78 17.65 -13.26
N ILE B 292 30.24 13.58 -14.83
CA ILE B 292 28.99 14.27 -15.03
C ILE B 292 28.01 13.36 -15.76
N LEU B 293 27.07 12.79 -15.00
CA LEU B 293 26.21 11.69 -15.45
C LEU B 293 24.79 12.20 -15.75
N GLU B 294 24.52 12.52 -17.01
CA GLU B 294 23.20 12.98 -17.43
C GLU B 294 22.23 11.82 -17.69
N LYS B 295 20.94 12.15 -17.66
CA LYS B 295 19.87 11.20 -17.88
C LYS B 295 19.02 11.62 -19.07
N GLU B 296 18.58 10.63 -19.85
CA GLU B 296 17.77 10.87 -21.04
C GLU B 296 16.30 10.75 -20.66
N VAL B 297 15.61 11.88 -20.58
CA VAL B 297 14.21 11.90 -20.18
C VAL B 297 13.33 11.46 -21.34
N LEU B 298 12.02 11.40 -21.12
CA LEU B 298 11.09 10.91 -22.10
C LEU B 298 10.11 12.01 -22.51
N PRO B 299 9.60 11.97 -23.74
CA PRO B 299 8.73 13.05 -24.21
C PRO B 299 7.41 13.04 -23.46
N PRO B 300 6.85 14.21 -23.19
CA PRO B 300 5.67 14.29 -22.32
C PRO B 300 4.40 13.71 -22.93
N ILE B 301 3.92 12.63 -22.35
CA ILE B 301 2.66 12.03 -22.79
C ILE B 301 1.52 12.65 -21.99
N HIS B 302 0.33 12.66 -22.59
CA HIS B 302 -0.87 13.19 -21.93
C HIS B 302 -1.13 12.52 -20.58
N ALA B 303 -0.60 11.30 -20.38
CA ALA B 303 -0.89 10.54 -19.18
C ALA B 303 -0.37 11.21 -17.92
N TYR B 304 0.82 11.81 -17.99
CA TYR B 304 1.39 12.48 -16.83
C TYR B 304 1.34 13.98 -17.00
N GLY B 305 0.13 14.53 -17.15
CA GLY B 305 0.00 15.92 -17.52
C GLY B 305 0.58 16.08 -18.91
N ASN B 306 1.53 17.01 -19.03
CA ASN B 306 2.43 17.06 -20.17
C ASN B 306 3.81 17.48 -19.72
N ARG B 307 4.16 17.14 -18.48
CA ARG B 307 5.45 17.46 -17.90
C ARG B 307 6.59 16.64 -18.50
N THR B 308 7.79 17.20 -18.43
CA THR B 308 9.03 16.49 -18.72
C THR B 308 9.82 16.36 -17.42
N GLU B 309 10.58 15.26 -17.30
CA GLU B 309 11.31 14.96 -16.08
C GLU B 309 12.52 15.91 -15.94
N CYS B 310 12.69 16.47 -14.75
CA CYS B 310 13.74 17.44 -14.47
C CYS B 310 15.12 16.94 -14.90
N ARG B 311 15.78 17.74 -15.74
CA ARG B 311 17.11 17.44 -16.26
C ARG B 311 18.23 18.08 -15.44
N ASN B 312 18.03 19.36 -14.95
CA ASN B 312 18.98 20.11 -14.13
C ASN B 312 18.57 20.08 -12.66
N PRO B 313 19.53 20.20 -11.73
CA PRO B 313 19.13 20.38 -10.32
C PRO B 313 18.31 21.64 -10.11
N GLN B 314 18.71 22.74 -10.75
CA GLN B 314 17.92 23.96 -10.71
C GLN B 314 16.50 23.71 -11.21
N GLU B 315 16.36 22.88 -12.26
CA GLU B 315 15.04 22.50 -12.72
C GLU B 315 14.26 21.75 -11.65
N LEU B 316 14.96 20.97 -10.82
CA LEU B 316 14.28 20.21 -9.78
C LEU B 316 13.86 21.12 -8.64
N GLU B 317 14.78 21.95 -8.14
CA GLU B 317 14.44 22.91 -7.08
C GLU B 317 13.28 23.82 -7.44
N SER B 318 13.01 24.03 -8.73
CA SER B 318 11.94 24.92 -9.15
C SER B 318 10.55 24.41 -8.83
N ILE B 319 10.41 23.15 -8.42
CA ILE B 319 9.11 22.60 -8.05
C ILE B 319 9.13 22.00 -6.65
N ARG B 320 10.17 22.33 -5.86
CA ARG B 320 10.28 21.81 -4.50
C ARG B 320 9.03 22.07 -3.66
N GLN B 321 8.31 23.14 -3.97
CA GLN B 321 7.15 23.57 -3.19
C GLN B 321 5.83 23.27 -3.87
N ASP B 322 5.84 22.67 -5.06
CA ASP B 322 4.62 22.38 -5.80
C ASP B 322 4.27 20.92 -5.56
N ARG B 323 3.58 20.66 -4.44
CA ARG B 323 3.23 19.28 -4.09
C ARG B 323 2.53 18.57 -5.23
N ASP B 324 1.80 19.33 -6.06
CA ASP B 324 1.19 18.75 -7.25
C ASP B 324 2.25 18.30 -8.24
N ALA B 325 3.22 19.17 -8.54
CA ALA B 325 4.21 18.88 -9.57
C ALA B 325 5.24 17.85 -9.13
N LEU B 326 5.50 17.73 -7.83
CA LEU B 326 6.40 16.69 -7.36
C LEU B 326 5.72 15.32 -7.37
N HIS B 327 4.44 15.27 -7.02
CA HIS B 327 3.68 14.03 -7.16
C HIS B 327 3.69 13.56 -8.60
N MET B 328 3.59 14.47 -9.55
CA MET B 328 3.70 14.04 -10.93
C MET B 328 5.11 13.57 -11.23
N GLU B 329 6.11 14.35 -10.79
CA GLU B 329 7.50 14.05 -11.10
C GLU B 329 7.89 12.64 -10.68
N GLY B 330 7.47 12.21 -9.49
CA GLY B 330 7.75 10.84 -9.08
C GLY B 330 7.15 9.82 -10.03
N LEU B 331 5.92 10.06 -10.47
CA LEU B 331 5.27 9.15 -11.42
C LEU B 331 6.04 9.10 -12.74
N ILE B 332 6.61 10.22 -13.17
CA ILE B 332 7.36 10.24 -14.43
C ILE B 332 8.69 9.50 -14.26
N VAL B 333 9.44 9.84 -13.21
CA VAL B 333 10.71 9.16 -12.93
C VAL B 333 10.49 7.65 -12.88
N ARG B 334 9.44 7.22 -12.16
CA ARG B 334 9.16 5.79 -12.03
C ARG B 334 8.83 5.15 -13.36
N GLU B 335 8.03 5.83 -14.19
CA GLU B 335 7.73 5.32 -15.53
C GLU B 335 9.01 5.08 -16.33
N ARG B 336 9.97 6.00 -16.24
CA ARG B 336 11.22 5.82 -16.96
C ARG B 336 12.00 4.62 -16.44
N ILE B 337 12.18 4.53 -15.12
CA ILE B 337 13.09 3.55 -14.56
C ILE B 337 12.53 2.13 -14.72
N LEU B 338 11.26 1.93 -14.34
CA LEU B 338 10.66 0.59 -14.45
C LEU B 338 9.92 0.42 -15.77
N GLY B 339 8.67 0.88 -15.82
CA GLY B 339 7.82 0.73 -16.98
C GLY B 339 8.40 1.21 -18.29
#